data_5LRF
#
_entry.id   5LRF
#
_cell.length_a   128.560
_cell.length_b   128.560
_cell.length_c   116.300
_cell.angle_alpha   90.00
_cell.angle_beta   90.00
_cell.angle_gamma   90.00
#
_symmetry.space_group_name_H-M   'P 43 21 2'
#
loop_
_entity.id
_entity.type
_entity.pdbx_description
1 polymer 'Glycogen phosphorylase, muscle form'
2 non-polymer (2~{R},3~{S},4~{R},5~{R},6~{S})-2-(hydroxymethyl)-6-(3-naphthalen-2-yl-1~{H}-1,2,4-triazol-5-yl)oxane-3,4,5-triol
3 non-polymer 'DIMETHYL SULFOXIDE'
4 non-polymer "PYRIDOXAL-5'-PHOSPHATE"
5 water water
#
_entity_poly.entity_id   1
_entity_poly.type   'polypeptide(L)'
_entity_poly.pdbx_seq_one_letter_code
;SRPLSDQEKRKQISVRGLAGVENVTELKKNFNRHLHFTLVKDRNVATPRDYYFALAHTVRDHLVGRWIRTQQHYYEKDPK
RIYYLSLEFYMGRTLQNTMVNLALENACDEATYQLGLDMEELEEIEEDAGLGNGGLGRLAACFLDSMATLGLAAYGYGIR
YEFGIFNQKICGGWQMEEADDWLRYGNPWEKARPEFTLPVHFYGRVEHTSQGAKWVDTQVVLAMPYDTPVPGYRNNVVNT
MRLWSAKAPNDFNLKDFNVGGYIQAVLDRNLAENISRVLYPNDNFFEGKELRLKQEYFVVAATLQDIIRRFKSSKFGCRD
PVRTNFDAFPDKVAIQLNDTHPSLAIPELMRVLVDLERLDWDKAWEVTVKTCAYTNHTVLPEALERWPVHLLETLLPRHL
QIIYEINQRFLNRVAAAFPGDVDRLRRMSLVEEGAVKRINMAHLCIAGSHAVNGVARIHSEILKKTIFKDFYELEPHKFQ
NKTNGITPRRWLVLCNPGLAEIIAERIGEEYISDLDQLRKLLSYVDDEAFIRDVAKVKQENKLKFAAYLEREYKVHINPN
SLFDVQVKRIHEYKRQLLNCLHVITLYNRIKKEPNKFVVPRTVMIGGKAAPGYHMAKMIIKLITAIGDVVNHDPVVGDRL
RVIFLENYRVSLAEKVIPAADLSEQISTAGTEASGTGNMKFMLNGALTIGTMDGANVEMAEEAGEENFFIFGMRVEDVDR
LDQRGYNAQEYYDRIPELRQIIEQLSSGFFSPKQPDLFKDIVNMLMHHDRFKVFADYEEYVKCQERVSALYKNPREWTRM
VIRNIATSGKFSSDRTIAQYAREIWGVEPSRQRLPAPDEKIP
;
_entity_poly.pdbx_strand_id   A
#
loop_
_chem_comp.id
_chem_comp.type
_chem_comp.name
_chem_comp.formula
DMS non-polymer 'DIMETHYL SULFOXIDE' 'C2 H6 O S'
KS3 non-polymer (2~{R},3~{S},4~{R},5~{R},6~{S})-2-(hydroxymethyl)-6-(3-naphthalen-2-yl-1~{H}-1,2,4-triazol-5-yl)oxane-3,4,5-triol 'C18 H19 N3 O5'
PLP non-polymer PYRIDOXAL-5'-PHOSPHATE 'C8 H10 N O6 P'
#
# COMPACT_ATOMS: atom_id res chain seq x y z
N GLN A 12 -22.14 22.99 -4.63
CA GLN A 12 -22.64 22.10 -5.71
C GLN A 12 -23.28 20.81 -5.16
N ILE A 13 -22.47 19.85 -4.70
CA ILE A 13 -23.03 18.57 -4.19
C ILE A 13 -22.98 18.46 -2.67
N SER A 14 -24.03 17.87 -2.12
CA SER A 14 -24.27 17.85 -0.68
C SER A 14 -23.15 17.25 0.18
N VAL A 15 -22.62 16.08 -0.20
CA VAL A 15 -21.58 15.42 0.62
C VAL A 15 -20.30 16.28 0.75
N ARG A 16 -20.20 17.32 -0.07
CA ARG A 16 -19.06 18.23 -0.01
C ARG A 16 -19.18 19.32 1.08
N GLY A 17 -20.31 19.35 1.76
CA GLY A 17 -20.51 20.27 2.89
C GLY A 17 -21.10 21.61 2.48
N LEU A 18 -21.18 22.52 3.45
CA LEU A 18 -21.82 23.82 3.25
C LEU A 18 -20.85 24.90 2.79
N ALA A 19 -21.36 25.85 2.01
CA ALA A 19 -20.59 27.02 1.60
C ALA A 19 -21.23 28.28 2.21
N GLY A 20 -21.13 28.42 3.53
CA GLY A 20 -21.68 29.58 4.24
C GLY A 20 -20.96 30.88 3.94
N VAL A 21 -21.72 31.98 3.93
CA VAL A 21 -21.19 33.31 3.59
C VAL A 21 -20.02 33.73 4.48
N GLU A 22 -20.13 33.50 5.77
CA GLU A 22 -19.07 33.91 6.68
C GLU A 22 -17.78 33.11 6.43
N ASN A 23 -17.93 31.82 6.22
CA ASN A 23 -16.79 30.97 5.97
C ASN A 23 -16.11 31.29 4.69
N VAL A 24 -16.90 31.44 3.63
CA VAL A 24 -16.34 31.76 2.33
C VAL A 24 -15.59 33.07 2.40
N THR A 25 -16.19 34.06 3.08
CA THR A 25 -15.53 35.34 3.23
C THR A 25 -14.18 35.22 3.96
N GLU A 26 -14.16 34.45 5.03
CA GLU A 26 -12.94 34.26 5.81
C GLU A 26 -11.86 33.47 5.02
N LEU A 27 -12.24 32.43 4.29
CA LEU A 27 -11.28 31.70 3.45
C LEU A 27 -10.65 32.62 2.42
N LYS A 28 -11.46 33.48 1.82
CA LYS A 28 -10.95 34.43 0.85
C LYS A 28 -9.89 35.37 1.44
N LYS A 29 -10.12 35.90 2.62
CA LYS A 29 -9.16 36.85 3.13
C LYS A 29 -7.90 36.15 3.61
N ASN A 30 -8.05 34.93 4.14
CA ASN A 30 -6.88 34.17 4.56
C ASN A 30 -6.07 33.71 3.38
N PHE A 31 -6.72 33.40 2.26
CA PHE A 31 -6.01 33.07 1.02
C PHE A 31 -5.16 34.25 0.57
N ASN A 32 -5.75 35.44 0.58
CA ASN A 32 -5.01 36.63 0.20
C ASN A 32 -3.90 36.98 1.15
N ARG A 33 -4.11 36.74 2.43
CA ARG A 33 -3.09 36.99 3.43
C ARG A 33 -1.86 36.07 3.20
N HIS A 34 -2.12 34.79 2.96
CA HIS A 34 -1.00 33.85 2.71
C HIS A 34 -0.25 34.18 1.43
N LEU A 35 -0.98 34.57 0.40
CA LEU A 35 -0.36 34.91 -0.86
C LEU A 35 0.63 36.05 -0.66
N HIS A 36 0.29 36.99 0.21
CA HIS A 36 1.10 38.18 0.45
C HIS A 36 2.21 37.87 1.45
N PHE A 37 1.83 37.55 2.68
CA PHE A 37 2.78 37.36 3.77
C PHE A 37 3.56 36.05 3.75
N THR A 38 2.97 34.99 3.24
CA THR A 38 3.61 33.69 3.30
C THR A 38 4.40 33.45 2.03
N LEU A 39 3.78 33.66 0.88
CA LEU A 39 4.44 33.39 -0.38
C LEU A 39 5.24 34.58 -0.90
N VAL A 40 4.93 35.77 -0.39
CA VAL A 40 5.59 37.01 -0.82
C VAL A 40 5.44 37.19 -2.32
N LYS A 41 4.19 37.27 -2.76
CA LYS A 41 3.81 37.53 -4.14
C LYS A 41 2.62 38.50 -4.19
N ASP A 42 2.42 39.20 -5.30
CA ASP A 42 1.17 39.93 -5.55
C ASP A 42 0.51 39.18 -6.69
N ARG A 43 -0.80 39.37 -6.89
CA ARG A 43 -1.54 38.65 -7.92
C ARG A 43 -1.00 38.87 -9.33
N ASN A 44 -0.18 39.89 -9.57
CA ASN A 44 0.29 40.12 -10.93
C ASN A 44 1.41 39.19 -11.40
N VAL A 45 2.11 38.56 -10.48
CA VAL A 45 3.16 37.63 -10.89
C VAL A 45 2.95 36.23 -10.35
N ALA A 46 1.81 36.00 -9.72
CA ALA A 46 1.53 34.69 -9.14
C ALA A 46 1.17 33.68 -10.22
N THR A 47 1.63 32.46 -10.03
CA THR A 47 1.35 31.37 -10.96
C THR A 47 0.41 30.42 -10.29
N PRO A 48 -0.11 29.45 -11.04
CA PRO A 48 -1.00 28.48 -10.43
C PRO A 48 -0.36 27.80 -9.24
N ARG A 49 0.94 27.57 -9.28
CA ARG A 49 1.59 26.92 -8.16
C ARG A 49 1.50 27.80 -6.94
N ASP A 50 1.68 29.09 -7.10
CA ASP A 50 1.57 29.97 -5.94
C ASP A 50 0.16 29.89 -5.39
N TYR A 51 -0.84 29.81 -6.27
CA TYR A 51 -2.20 29.74 -5.82
C TYR A 51 -2.50 28.44 -5.06
N TYR A 52 -1.94 27.32 -5.52
CA TYR A 52 -2.05 26.08 -4.79
C TYR A 52 -1.49 26.25 -3.37
N PHE A 53 -0.30 26.81 -3.25
CA PHE A 53 0.30 26.97 -1.94
C PHE A 53 -0.52 27.87 -1.03
N ALA A 54 -1.10 28.94 -1.57
CA ALA A 54 -1.89 29.82 -0.75
C ALA A 54 -3.10 29.04 -0.22
N LEU A 55 -3.68 28.19 -1.05
CA LEU A 55 -4.84 27.42 -0.60
C LEU A 55 -4.43 26.40 0.44
N ALA A 56 -3.31 25.74 0.22
CA ALA A 56 -2.83 24.74 1.18
C ALA A 56 -2.57 25.35 2.53
N HIS A 57 -1.91 26.51 2.59
CA HIS A 57 -1.70 27.15 3.87
C HIS A 57 -3.02 27.57 4.52
N THR A 58 -3.98 27.99 3.70
CA THR A 58 -5.28 28.39 4.23
C THR A 58 -5.98 27.21 4.90
N VAL A 59 -5.95 26.06 4.24
CA VAL A 59 -6.59 24.86 4.79
C VAL A 59 -5.83 24.33 6.00
N ARG A 60 -4.49 24.35 5.93
CA ARG A 60 -3.69 23.89 7.00
C ARG A 60 -3.96 24.64 8.28
N ASP A 61 -4.25 25.93 8.19
CA ASP A 61 -4.54 26.70 9.38
C ASP A 61 -5.72 26.09 10.15
N HIS A 62 -6.71 25.55 9.46
CA HIS A 62 -7.85 24.92 10.15
C HIS A 62 -7.51 23.63 10.89
N LEU A 63 -6.38 23.02 10.58
CA LEU A 63 -5.95 21.83 11.31
C LEU A 63 -5.32 22.15 12.65
N VAL A 64 -4.75 23.35 12.79
CA VAL A 64 -3.85 23.62 13.90
C VAL A 64 -4.51 23.51 15.26
N GLY A 65 -5.65 24.17 15.43
CA GLY A 65 -6.31 24.14 16.72
C GLY A 65 -6.66 22.74 17.12
N ARG A 66 -7.18 21.99 16.16
CA ARG A 66 -7.62 20.62 16.40
C ARG A 66 -6.43 19.70 16.72
N TRP A 67 -5.32 19.93 16.04
CA TRP A 67 -4.12 19.15 16.27
C TRP A 67 -3.57 19.36 17.66
N ILE A 68 -3.47 20.62 18.10
CA ILE A 68 -2.98 20.95 19.41
C ILE A 68 -3.95 20.42 20.45
N ARG A 69 -5.25 20.58 20.24
CA ARG A 69 -6.18 20.13 21.29
C ARG A 69 -6.27 18.62 21.35
N THR A 70 -6.15 17.94 20.21
CA THR A 70 -6.13 16.47 20.25
C THR A 70 -4.96 15.98 21.06
N GLN A 71 -3.77 16.48 20.80
CA GLN A 71 -2.58 15.97 21.50
C GLN A 71 -2.61 16.34 22.99
N GLN A 72 -3.17 17.49 23.31
CA GLN A 72 -3.42 17.93 24.69
C GLN A 72 -4.31 16.93 25.39
N HIS A 73 -5.41 16.58 24.71
CA HIS A 73 -6.39 15.62 25.22
C HIS A 73 -5.72 14.29 25.58
N TYR A 74 -4.86 13.75 24.71
CA TYR A 74 -4.19 12.48 25.01
C TYR A 74 -3.29 12.63 26.22
N TYR A 75 -2.66 13.77 26.38
CA TYR A 75 -1.82 13.98 27.54
C TYR A 75 -2.61 13.96 28.83
N GLU A 76 -3.83 14.47 28.82
CA GLU A 76 -4.63 14.58 30.04
C GLU A 76 -5.27 13.27 30.38
N LYS A 77 -5.94 12.69 29.40
CA LYS A 77 -6.66 11.43 29.58
C LYS A 77 -5.74 10.21 29.73
N ASP A 78 -4.52 10.32 29.21
CA ASP A 78 -3.57 9.21 29.23
C ASP A 78 -4.14 7.87 28.74
N PRO A 79 -4.71 7.84 27.51
CA PRO A 79 -5.19 6.56 27.02
C PRO A 79 -4.05 5.66 26.60
N LYS A 80 -4.34 4.38 26.38
CA LYS A 80 -3.37 3.48 25.78
C LYS A 80 -3.04 3.99 24.38
N ARG A 81 -1.74 4.05 24.06
CA ARG A 81 -1.30 4.61 22.79
C ARG A 81 -0.92 3.52 21.80
N ILE A 82 -1.28 3.72 20.55
CA ILE A 82 -1.01 2.73 19.49
C ILE A 82 0.08 3.28 18.58
N TYR A 83 1.17 2.53 18.43
CA TYR A 83 2.30 2.95 17.59
C TYR A 83 2.40 2.04 16.40
N TYR A 84 2.16 2.57 15.22
CA TYR A 84 2.14 1.77 14.00
C TYR A 84 3.47 2.03 13.28
N LEU A 85 4.38 1.06 13.30
CA LEU A 85 5.73 1.21 12.75
C LEU A 85 5.78 0.60 11.36
N SER A 86 6.25 1.39 10.40
CA SER A 86 6.30 0.98 9.00
C SER A 86 7.45 1.67 8.32
N LEU A 87 8.08 0.97 7.41
CA LEU A 87 9.07 1.63 6.60
C LEU A 87 8.45 2.38 5.41
N GLU A 88 7.14 2.21 5.21
CA GLU A 88 6.46 2.81 4.07
C GLU A 88 5.13 3.38 4.48
N PHE A 89 4.86 4.61 4.00
CA PHE A 89 3.55 5.28 4.15
C PHE A 89 3.27 5.93 2.80
N TYR A 90 2.33 5.39 2.04
CA TYR A 90 2.07 5.86 0.68
C TYR A 90 0.84 6.79 0.77
N MET A 91 1.10 8.06 1.03
CA MET A 91 0.05 9.01 1.42
C MET A 91 -0.67 9.64 0.25
N GLY A 92 0.02 9.81 -0.88
CA GLY A 92 -0.57 10.52 -2.03
C GLY A 92 -0.71 12.00 -1.69
N ARG A 93 -1.66 12.68 -2.33
CA ARG A 93 -1.89 14.11 -2.08
C ARG A 93 -2.71 14.32 -0.82
N THR A 94 -2.56 15.49 -0.17
CA THR A 94 -3.15 15.78 1.12
C THR A 94 -4.27 16.87 1.08
N LEU A 95 -4.25 17.75 0.09
CA LEU A 95 -5.16 18.92 0.14
C LEU A 95 -6.64 18.53 0.16
N GLN A 96 -7.04 17.74 -0.83
CA GLN A 96 -8.44 17.36 -0.94
C GLN A 96 -8.86 16.52 0.23
N ASN A 97 -8.02 15.58 0.65
CA ASN A 97 -8.36 14.76 1.80
C ASN A 97 -8.62 15.57 3.06
N THR A 98 -7.84 16.62 3.23
CA THR A 98 -7.98 17.46 4.38
C THR A 98 -9.31 18.22 4.32
N MET A 99 -9.65 18.72 3.15
CA MET A 99 -10.91 19.47 2.98
C MET A 99 -12.09 18.56 3.24
N VAL A 100 -12.02 17.35 2.70
CA VAL A 100 -13.08 16.35 2.88
C VAL A 100 -13.27 16.09 4.36
N ASN A 101 -12.19 15.81 5.10
CA ASN A 101 -12.33 15.43 6.50
C ASN A 101 -12.70 16.57 7.41
N LEU A 102 -12.48 17.80 6.97
CA LEU A 102 -12.86 18.95 7.78
C LEU A 102 -14.18 19.59 7.31
N ALA A 103 -14.83 19.01 6.31
CA ALA A 103 -16.06 19.55 5.70
C ALA A 103 -15.89 20.91 5.02
N LEU A 104 -14.73 21.14 4.39
CA LEU A 104 -14.39 22.43 3.79
C LEU A 104 -14.39 22.47 2.27
N GLU A 105 -14.73 21.37 1.63
CA GLU A 105 -14.57 21.30 0.19
C GLU A 105 -15.43 22.31 -0.59
N ASN A 106 -16.71 22.38 -0.25
CA ASN A 106 -17.62 23.28 -1.00
C ASN A 106 -17.28 24.74 -0.74
N ALA A 107 -16.96 25.06 0.49
CA ALA A 107 -16.57 26.42 0.85
C ALA A 107 -15.30 26.85 0.15
N CYS A 108 -14.31 25.97 0.10
CA CYS A 108 -13.08 26.31 -0.60
C CYS A 108 -13.33 26.42 -2.10
N ASP A 109 -14.22 25.59 -2.64
CA ASP A 109 -14.57 25.66 -4.04
C ASP A 109 -15.19 27.02 -4.34
N GLU A 110 -16.12 27.43 -3.49
CA GLU A 110 -16.80 28.72 -3.64
C GLU A 110 -15.79 29.87 -3.51
N ALA A 111 -14.98 29.86 -2.46
CA ALA A 111 -13.97 30.92 -2.26
C ALA A 111 -13.03 31.09 -3.44
N THR A 112 -12.49 30.01 -3.95
CA THR A 112 -11.57 30.08 -5.05
C THR A 112 -12.27 30.54 -6.34
N TYR A 113 -13.50 30.08 -6.54
CA TYR A 113 -14.28 30.48 -7.71
C TYR A 113 -14.49 31.99 -7.71
N GLN A 114 -14.80 32.55 -6.54
CA GLN A 114 -14.98 33.99 -6.36
C GLN A 114 -13.70 34.76 -6.61
N LEU A 115 -12.57 34.08 -6.47
CA LEU A 115 -11.26 34.67 -6.68
C LEU A 115 -10.82 34.51 -8.11
N GLY A 116 -11.64 33.84 -8.91
CA GLY A 116 -11.33 33.63 -10.31
C GLY A 116 -10.46 32.42 -10.58
N LEU A 117 -10.48 31.44 -9.68
CA LEU A 117 -9.63 30.25 -9.80
C LEU A 117 -10.43 28.96 -9.82
N ASP A 118 -9.92 27.96 -10.52
CA ASP A 118 -10.53 26.65 -10.56
C ASP A 118 -9.78 25.74 -9.57
N MET A 119 -10.45 25.34 -8.51
CA MET A 119 -9.82 24.56 -7.45
C MET A 119 -9.31 23.21 -7.92
N GLU A 120 -9.97 22.64 -8.92
CA GLU A 120 -9.56 21.33 -9.44
C GLU A 120 -8.19 21.42 -10.07
N GLU A 121 -7.96 22.55 -10.72
CA GLU A 121 -6.70 22.85 -11.36
C GLU A 121 -5.62 22.98 -10.31
N LEU A 122 -5.91 23.69 -9.23
CA LEU A 122 -4.92 23.86 -8.16
C LEU A 122 -4.58 22.51 -7.49
N GLU A 123 -5.57 21.63 -7.36
CA GLU A 123 -5.32 20.30 -6.76
C GLU A 123 -4.29 19.50 -7.56
N GLU A 124 -4.32 19.62 -8.87
CA GLU A 124 -3.39 18.87 -9.74
C GLU A 124 -1.92 19.28 -9.63
N ILE A 125 -1.65 20.41 -8.99
CA ILE A 125 -0.28 20.86 -8.79
C ILE A 125 0.45 20.10 -7.67
N GLU A 126 -0.28 19.60 -6.69
CA GLU A 126 0.32 18.98 -5.54
C GLU A 126 1.03 17.68 -5.92
N GLU A 127 2.20 17.46 -5.34
CA GLU A 127 2.96 16.24 -5.58
C GLU A 127 2.39 15.14 -4.69
N ASP A 128 2.32 13.90 -5.17
CA ASP A 128 2.08 12.77 -4.24
C ASP A 128 3.19 12.64 -3.25
N ALA A 129 2.87 12.34 -2.02
CA ALA A 129 3.90 11.92 -1.10
C ALA A 129 4.02 10.41 -1.37
N GLY A 130 5.04 10.00 -2.10
CA GLY A 130 5.14 8.62 -2.51
C GLY A 130 6.13 7.81 -1.72
N LEU A 131 5.93 7.73 -0.41
CA LEU A 131 6.90 7.08 0.47
C LEU A 131 6.56 5.61 0.65
N GLY A 132 6.15 4.98 -0.43
CA GLY A 132 5.88 3.55 -0.46
C GLY A 132 5.90 2.98 -1.84
N ASN A 133 5.86 1.65 -1.93
CA ASN A 133 5.98 0.92 -3.18
C ASN A 133 4.63 0.59 -3.78
N GLY A 134 3.62 0.39 -2.94
CA GLY A 134 2.33 -0.12 -3.42
C GLY A 134 1.42 -0.44 -2.27
N GLY A 135 0.89 -1.66 -2.26
CA GLY A 135 -0.15 -2.08 -1.33
C GLY A 135 0.15 -1.96 0.15
N LEU A 136 1.36 -2.33 0.55
CA LEU A 136 1.72 -2.33 1.97
C LEU A 136 1.82 -0.91 2.48
N GLY A 137 2.45 -0.05 1.69
CA GLY A 137 2.55 1.36 2.06
C GLY A 137 1.20 2.06 2.06
N ARG A 138 0.36 1.71 1.11
CA ARG A 138 -0.94 2.37 1.00
C ARG A 138 -1.86 1.86 2.09
N LEU A 139 -1.72 0.60 2.49
CA LEU A 139 -2.46 0.09 3.65
C LEU A 139 -2.18 0.87 4.90
N ALA A 140 -0.90 1.19 5.15
CA ALA A 140 -0.55 1.98 6.29
C ALA A 140 -1.25 3.34 6.24
N ALA A 141 -1.37 3.92 5.05
CA ALA A 141 -1.99 5.23 4.91
C ALA A 141 -3.51 5.15 5.19
N CYS A 142 -4.18 4.12 4.68
CA CYS A 142 -5.61 3.95 4.96
C CYS A 142 -5.81 3.72 6.43
N PHE A 143 -4.93 2.93 7.04
CA PHE A 143 -5.00 2.67 8.45
C PHE A 143 -4.91 3.94 9.28
N LEU A 144 -4.00 4.85 8.95
CA LEU A 144 -3.89 6.08 9.71
C LEU A 144 -5.20 6.88 9.65
N ASP A 145 -5.81 6.93 8.49
CA ASP A 145 -7.07 7.66 8.29
C ASP A 145 -8.15 7.01 9.16
N SER A 146 -8.24 5.69 9.12
CA SER A 146 -9.21 4.99 9.96
C SER A 146 -8.96 5.12 11.45
N MET A 147 -7.70 5.08 11.90
CA MET A 147 -7.44 5.20 13.32
C MET A 147 -7.89 6.57 13.85
N ALA A 148 -7.73 7.62 13.05
CA ALA A 148 -8.14 8.97 13.44
C ALA A 148 -9.65 9.07 13.44
N THR A 149 -10.28 8.46 12.45
CA THR A 149 -11.74 8.50 12.33
C THR A 149 -12.42 7.75 13.48
N LEU A 150 -11.75 6.74 14.01
CA LEU A 150 -12.25 5.96 15.14
C LEU A 150 -11.75 6.42 16.49
N GLY A 151 -11.11 7.59 16.52
CA GLY A 151 -10.72 8.20 17.77
C GLY A 151 -9.67 7.51 18.60
N LEU A 152 -8.76 6.78 17.98
CA LEU A 152 -7.73 6.07 18.69
C LEU A 152 -6.52 6.97 18.85
N ALA A 153 -5.87 6.87 19.99
CA ALA A 153 -4.63 7.63 20.25
C ALA A 153 -3.46 6.95 19.51
N ALA A 154 -3.38 7.20 18.21
CA ALA A 154 -2.52 6.43 17.32
C ALA A 154 -1.47 7.30 16.66
N TYR A 155 -0.28 6.73 16.51
CA TYR A 155 0.87 7.44 15.93
C TYR A 155 1.47 6.57 14.86
N GLY A 156 1.72 7.13 13.69
CA GLY A 156 2.39 6.43 12.60
C GLY A 156 3.84 6.89 12.66
N TYR A 157 4.78 5.96 12.67
CA TYR A 157 6.21 6.29 12.72
C TYR A 157 6.92 5.66 11.56
N GLY A 158 7.71 6.44 10.85
CA GLY A 158 8.41 5.98 9.67
C GLY A 158 9.64 6.84 9.38
N ILE A 159 10.09 6.79 8.13
CA ILE A 159 11.25 7.55 7.66
C ILE A 159 10.82 8.56 6.64
N ARG A 160 11.32 9.78 6.77
CA ARG A 160 11.08 10.82 5.79
C ARG A 160 12.11 10.71 4.69
N TYR A 161 11.82 9.92 3.68
CA TYR A 161 12.73 9.77 2.57
C TYR A 161 12.78 11.05 1.76
N GLU A 162 13.96 11.48 1.36
CA GLU A 162 14.11 12.61 0.50
C GLU A 162 13.59 12.29 -0.88
N PHE A 163 13.75 11.04 -1.32
CA PHE A 163 13.28 10.59 -2.60
C PHE A 163 12.39 9.37 -2.37
N GLY A 164 11.14 9.48 -2.81
CA GLY A 164 10.18 8.39 -2.68
C GLY A 164 10.28 7.44 -3.85
N ILE A 165 9.19 6.77 -4.18
CA ILE A 165 9.22 5.83 -5.29
C ILE A 165 9.49 6.62 -6.57
N PHE A 166 10.37 6.12 -7.42
CA PHE A 166 10.78 6.84 -8.62
C PHE A 166 9.62 7.17 -9.57
N ASN A 167 9.78 8.26 -10.32
CA ASN A 167 8.87 8.59 -11.40
C ASN A 167 9.24 7.73 -12.59
N GLN A 168 8.24 7.08 -13.20
CA GLN A 168 8.44 6.20 -14.34
C GLN A 168 8.19 6.95 -15.64
N LYS A 169 9.16 6.94 -16.54
CA LYS A 169 8.98 7.45 -17.90
C LYS A 169 9.06 6.27 -18.82
N ILE A 170 8.31 6.27 -19.90
CA ILE A 170 8.43 5.21 -20.88
C ILE A 170 9.13 5.79 -22.09
N CYS A 171 10.23 5.19 -22.50
CA CYS A 171 11.00 5.66 -23.63
C CYS A 171 11.26 4.49 -24.55
N GLY A 172 10.75 4.59 -25.77
CA GLY A 172 10.90 3.51 -26.72
C GLY A 172 10.27 2.25 -26.19
N GLY A 173 9.21 2.41 -25.42
CA GLY A 173 8.51 1.28 -24.85
C GLY A 173 9.15 0.67 -23.61
N TRP A 174 10.29 1.20 -23.16
CA TRP A 174 10.99 0.69 -21.98
C TRP A 174 10.81 1.61 -20.76
N GLN A 175 10.80 1.04 -19.56
CA GLN A 175 10.78 1.87 -18.36
C GLN A 175 12.12 2.57 -18.14
N MET A 176 12.07 3.85 -17.86
CA MET A 176 13.21 4.61 -17.38
C MET A 176 12.81 5.16 -16.01
N GLU A 177 13.77 5.33 -15.12
CA GLU A 177 13.51 5.83 -13.78
C GLU A 177 14.08 7.23 -13.64
N GLU A 178 13.34 8.10 -12.97
CA GLU A 178 13.91 9.36 -12.54
C GLU A 178 13.55 9.62 -11.11
N ALA A 179 14.43 10.31 -10.41
CA ALA A 179 14.25 10.55 -9.00
C ALA A 179 13.00 11.37 -8.76
N ASP A 180 12.29 11.02 -7.70
CA ASP A 180 11.08 11.70 -7.26
C ASP A 180 11.48 12.74 -6.22
N ASP A 181 11.81 13.93 -6.68
CA ASP A 181 12.28 15.00 -5.84
C ASP A 181 11.04 15.73 -5.30
N TRP A 182 10.26 15.00 -4.53
CA TRP A 182 8.95 15.48 -4.07
C TRP A 182 9.00 16.69 -3.16
N LEU A 183 10.15 17.00 -2.58
CA LEU A 183 10.26 18.10 -1.64
C LEU A 183 10.78 19.39 -2.28
N ARG A 184 10.98 19.36 -3.59
CA ARG A 184 11.63 20.48 -4.29
C ARG A 184 10.99 21.82 -3.96
N TYR A 185 9.66 21.88 -4.02
CA TYR A 185 8.94 23.14 -3.78
C TYR A 185 8.51 23.32 -2.34
N GLY A 186 8.90 22.41 -1.47
CA GLY A 186 8.51 22.43 -0.08
C GLY A 186 7.31 21.55 0.16
N ASN A 187 7.11 21.17 1.41
CA ASN A 187 5.97 20.36 1.80
C ASN A 187 5.21 21.11 2.89
N PRO A 188 4.07 21.73 2.54
CA PRO A 188 3.34 22.53 3.52
C PRO A 188 2.66 21.73 4.62
N TRP A 189 2.60 20.41 4.48
CA TRP A 189 1.87 19.56 5.41
C TRP A 189 2.73 19.04 6.54
N GLU A 190 4.05 19.25 6.52
CA GLU A 190 4.88 18.79 7.63
C GLU A 190 5.34 19.94 8.50
N LYS A 191 5.61 19.64 9.75
CA LYS A 191 6.25 20.56 10.69
C LYS A 191 7.51 19.89 11.23
N ALA A 192 8.65 20.52 10.96
CA ALA A 192 9.92 20.04 11.48
C ALA A 192 9.93 20.28 12.94
N ARG A 193 10.47 19.32 13.69
CA ARG A 193 10.59 19.47 15.10
C ARG A 193 12.02 19.21 15.56
N PRO A 194 12.96 20.06 15.15
CA PRO A 194 14.39 19.88 15.47
C PRO A 194 14.68 19.80 16.96
N GLU A 195 13.80 20.37 17.78
CA GLU A 195 13.95 20.31 19.22
C GLU A 195 13.78 18.91 19.81
N PHE A 196 13.18 17.98 19.08
CA PHE A 196 12.99 16.62 19.61
C PHE A 196 13.90 15.61 18.92
N THR A 197 15.02 16.09 18.41
CA THR A 197 16.04 15.26 17.78
C THR A 197 16.64 14.30 18.81
N LEU A 198 16.89 13.06 18.39
CA LEU A 198 17.37 11.99 19.26
C LEU A 198 18.56 11.27 18.62
N PRO A 199 19.45 10.71 19.43
CA PRO A 199 20.60 9.98 18.88
C PRO A 199 20.29 8.52 18.59
N VAL A 200 20.89 8.00 17.52
CA VAL A 200 20.82 6.59 17.13
C VAL A 200 22.26 6.10 16.97
N HIS A 201 22.52 4.92 17.51
CA HIS A 201 23.89 4.36 17.54
C HIS A 201 24.10 3.21 16.57
N PHE A 202 25.30 3.13 15.98
CA PHE A 202 25.66 2.08 15.05
C PHE A 202 27.11 1.58 15.31
N TYR A 203 27.36 0.36 14.90
CA TYR A 203 28.72 -0.25 14.98
C TYR A 203 29.12 -0.43 16.45
N GLY A 204 30.38 -0.15 16.79
CA GLY A 204 30.81 -0.28 18.17
C GLY A 204 31.09 -1.70 18.59
N ARG A 205 31.06 -1.93 19.89
CA ARG A 205 31.34 -3.27 20.43
C ARG A 205 30.69 -3.37 21.78
N VAL A 206 30.60 -4.59 22.29
CA VAL A 206 29.97 -4.81 23.57
C VAL A 206 31.02 -5.11 24.60
N GLU A 207 30.91 -4.48 25.76
CA GLU A 207 31.79 -4.85 26.84
C GLU A 207 30.96 -5.29 28.04
N HIS A 208 31.43 -6.35 28.69
CA HIS A 208 30.70 -6.96 29.80
C HIS A 208 31.29 -6.52 31.13
N THR A 209 30.50 -5.81 31.93
CA THR A 209 30.93 -5.35 33.26
C THR A 209 30.31 -6.20 34.34
N SER A 210 30.67 -5.86 35.56
CA SER A 210 30.09 -6.44 36.75
C SER A 210 28.60 -6.17 36.75
N GLN A 211 28.25 -5.01 36.21
CA GLN A 211 26.85 -4.58 36.10
C GLN A 211 26.31 -4.59 34.67
N GLY A 212 26.18 -5.77 34.07
CA GLY A 212 25.60 -5.89 32.74
C GLY A 212 26.48 -5.50 31.56
N ALA A 213 25.89 -5.65 30.37
CA ALA A 213 26.56 -5.31 29.12
C ALA A 213 26.44 -3.83 28.83
N LYS A 214 27.38 -3.30 28.06
CA LYS A 214 27.43 -1.90 27.69
C LYS A 214 27.84 -1.86 26.24
N TRP A 215 27.11 -1.10 25.42
CA TRP A 215 27.42 -0.98 24.00
C TRP A 215 28.21 0.31 23.84
N VAL A 216 29.48 0.20 23.42
CA VAL A 216 30.41 1.32 23.41
C VAL A 216 31.09 1.53 22.09
N ASP A 217 31.75 2.69 21.98
CA ASP A 217 32.53 3.09 20.80
C ASP A 217 31.66 3.14 19.55
N THR A 218 30.43 3.58 19.72
CA THR A 218 29.49 3.63 18.59
C THR A 218 29.64 4.91 17.76
N GLN A 219 29.18 4.86 16.52
CA GLN A 219 29.00 6.05 15.70
C GLN A 219 27.57 6.52 15.92
N VAL A 220 27.39 7.83 16.03
CA VAL A 220 26.07 8.41 16.32
C VAL A 220 25.53 9.07 15.06
N VAL A 221 24.26 8.79 14.73
CA VAL A 221 23.52 9.59 13.75
C VAL A 221 22.32 10.17 14.48
N LEU A 222 21.98 11.42 14.20
CA LEU A 222 20.81 12.05 14.80
C LEU A 222 19.55 11.78 13.97
N ALA A 223 18.43 11.59 14.67
CA ALA A 223 17.14 11.40 14.02
C ALA A 223 16.33 12.65 14.35
N MET A 224 15.99 13.41 13.33
CA MET A 224 15.20 14.63 13.49
C MET A 224 13.78 14.35 13.00
N PRO A 225 12.78 14.58 13.86
CA PRO A 225 11.39 14.30 13.45
C PRO A 225 10.70 15.42 12.67
N TYR A 226 9.87 15.02 11.74
CA TYR A 226 8.92 15.90 11.06
C TYR A 226 7.53 15.32 11.29
N ASP A 227 6.61 16.17 11.72
CA ASP A 227 5.26 15.73 12.07
C ASP A 227 4.26 16.16 11.01
N THR A 228 3.39 15.23 10.61
CA THR A 228 2.33 15.49 9.66
C THR A 228 1.00 15.20 10.35
N PRO A 229 0.02 16.10 10.22
CA PRO A 229 -1.30 15.81 10.80
C PRO A 229 -2.10 14.82 9.98
N VAL A 230 -2.93 14.04 10.69
CA VAL A 230 -3.76 13.02 10.14
C VAL A 230 -5.18 13.27 10.69
N PRO A 231 -6.01 13.97 9.92
CA PRO A 231 -7.36 14.32 10.39
C PRO A 231 -8.33 13.15 10.31
N GLY A 232 -9.16 12.95 11.33
CA GLY A 232 -10.24 11.99 11.24
C GLY A 232 -11.43 12.61 10.50
N TYR A 233 -12.41 11.78 10.14
CA TYR A 233 -13.55 12.26 9.33
C TYR A 233 -14.58 12.97 10.23
N ARG A 234 -14.54 14.29 10.14
CA ARG A 234 -15.51 15.15 10.78
C ARG A 234 -15.72 14.93 12.28
N ASN A 235 -14.67 14.53 12.97
CA ASN A 235 -14.72 14.29 14.41
C ASN A 235 -13.78 15.18 15.25
N ASN A 236 -13.14 16.14 14.57
CA ASN A 236 -12.14 17.04 15.15
C ASN A 236 -10.92 16.37 15.78
N VAL A 237 -10.63 15.12 15.41
CA VAL A 237 -9.46 14.44 15.91
C VAL A 237 -8.38 14.63 14.88
N VAL A 238 -7.16 14.93 15.33
CA VAL A 238 -6.03 15.07 14.40
C VAL A 238 -4.87 14.38 15.07
N ASN A 239 -4.50 13.23 14.51
CA ASN A 239 -3.40 12.45 15.02
C ASN A 239 -2.13 12.85 14.25
N THR A 240 -1.03 12.21 14.63
CA THR A 240 0.29 12.55 14.11
C THR A 240 0.94 11.37 13.39
N MET A 241 1.55 11.66 12.24
CA MET A 241 2.51 10.76 11.61
C MET A 241 3.88 11.43 11.78
N ARG A 242 4.77 10.77 12.49
CA ARG A 242 6.11 11.32 12.77
C ARG A 242 7.13 10.54 11.93
N LEU A 243 7.82 11.24 11.03
CA LEU A 243 8.80 10.65 10.11
C LEU A 243 10.19 11.20 10.43
N TRP A 244 11.15 10.30 10.59
CA TRP A 244 12.48 10.67 11.03
C TRP A 244 13.38 10.94 9.83
N SER A 245 14.22 11.97 9.96
CA SER A 245 15.24 12.34 8.96
C SER A 245 16.61 12.26 9.61
N ALA A 246 17.60 11.76 8.85
CA ALA A 246 18.93 11.53 9.38
C ALA A 246 19.78 12.78 9.29
N LYS A 247 20.47 13.12 10.39
CA LYS A 247 21.38 14.26 10.42
C LYS A 247 22.71 13.88 11.09
N ALA A 248 23.81 14.40 10.59
CA ALA A 248 25.07 14.11 11.25
C ALA A 248 25.26 15.02 12.44
N PRO A 249 25.86 14.52 13.51
CA PRO A 249 26.27 15.45 14.59
C PRO A 249 27.37 16.46 14.15
N ASN A 250 27.48 17.62 14.80
CA ASN A 250 28.37 18.71 14.28
C ASN A 250 29.86 18.51 14.47
N ASP A 251 30.22 17.64 15.39
CA ASP A 251 31.61 17.22 15.52
C ASP A 251 31.90 16.00 14.63
N PHE A 252 30.94 15.59 13.80
CA PHE A 252 31.08 14.40 12.96
C PHE A 252 32.35 14.49 12.15
N ASN A 253 33.13 13.40 12.18
CA ASN A 253 34.39 13.36 11.48
C ASN A 253 35.32 14.48 11.93
N LEU A 254 34.93 15.25 12.94
CA LEU A 254 35.71 16.43 13.35
C LEU A 254 36.31 16.34 14.75
N GLY A 261 41.22 16.62 5.19
CA GLY A 261 41.17 17.67 6.21
C GLY A 261 39.77 18.21 6.47
N TYR A 262 39.69 19.49 6.86
CA TYR A 262 38.44 20.09 7.31
C TYR A 262 37.34 19.99 6.27
N ILE A 263 37.64 20.37 5.03
CA ILE A 263 36.62 20.40 4.02
C ILE A 263 36.05 19.01 3.81
N GLN A 264 36.92 18.03 3.63
CA GLN A 264 36.48 16.66 3.42
C GLN A 264 35.62 16.16 4.59
N ALA A 265 35.95 16.51 5.82
CA ALA A 265 35.15 16.07 6.97
C ALA A 265 33.73 16.60 6.89
N VAL A 266 33.59 17.85 6.46
CA VAL A 266 32.24 18.38 6.31
C VAL A 266 31.50 17.72 5.17
N LEU A 267 32.19 17.40 4.07
CA LEU A 267 31.49 16.80 2.94
C LEU A 267 31.06 15.38 3.29
N ASP A 268 31.84 14.72 4.16
CA ASP A 268 31.57 13.34 4.53
C ASP A 268 30.38 13.19 5.42
N ARG A 269 29.76 14.29 5.81
CA ARG A 269 28.53 14.21 6.58
C ARG A 269 27.45 13.45 5.82
N ASN A 270 27.55 13.43 4.49
CA ASN A 270 26.57 12.74 3.66
C ASN A 270 26.52 11.26 3.91
N LEU A 271 27.58 10.67 4.43
CA LEU A 271 27.55 9.25 4.71
C LEU A 271 26.44 8.96 5.70
N ALA A 272 26.38 9.74 6.78
CA ALA A 272 25.35 9.56 7.79
C ALA A 272 23.97 9.93 7.26
N GLU A 273 23.87 11.00 6.50
CA GLU A 273 22.58 11.51 6.09
C GLU A 273 21.97 10.67 4.99
N ASN A 274 22.76 9.80 4.36
CA ASN A 274 22.22 8.92 3.34
C ASN A 274 21.20 7.92 3.84
N ILE A 275 21.17 7.69 5.14
CA ILE A 275 20.20 6.75 5.69
C ILE A 275 18.76 7.09 5.30
N SER A 276 18.38 8.36 5.33
CA SER A 276 17.02 8.76 4.96
C SER A 276 16.85 9.29 3.53
N ARG A 277 17.81 9.02 2.65
CA ARG A 277 17.80 9.63 1.33
C ARG A 277 16.81 9.02 0.37
N VAL A 278 16.68 7.70 0.35
CA VAL A 278 15.90 7.09 -0.70
C VAL A 278 15.18 5.80 -0.24
N LEU A 279 13.92 5.68 -0.68
CA LEU A 279 13.11 4.50 -0.49
C LEU A 279 13.62 3.37 -1.38
N TYR A 280 13.87 2.21 -0.78
CA TYR A 280 14.13 1.00 -1.60
C TYR A 280 12.88 0.67 -2.44
N PRO A 281 13.03 0.53 -3.75
CA PRO A 281 11.88 0.46 -4.66
C PRO A 281 11.43 -0.95 -5.05
N ASN A 282 11.66 -1.94 -4.18
CA ASN A 282 11.27 -3.31 -4.45
C ASN A 282 9.95 -3.66 -3.75
N ASP A 283 9.02 -4.20 -4.49
CA ASP A 283 7.77 -4.65 -3.91
C ASP A 283 7.85 -6.14 -3.82
N ASN A 284 7.65 -6.69 -2.64
CA ASN A 284 7.65 -8.13 -2.47
C ASN A 284 8.96 -8.79 -2.88
N PHE A 285 10.06 -8.15 -2.52
CA PHE A 285 11.38 -8.70 -2.82
C PHE A 285 12.38 -8.14 -1.83
N PHE A 286 13.09 -9.05 -1.15
CA PHE A 286 14.08 -8.69 -0.15
C PHE A 286 15.46 -8.54 -0.79
N GLU A 287 16.10 -7.41 -0.53
CA GLU A 287 17.45 -7.15 -0.97
C GLU A 287 18.25 -6.87 0.29
N GLY A 288 19.19 -7.75 0.62
CA GLY A 288 19.90 -7.67 1.90
C GLY A 288 21.09 -6.73 1.94
N LYS A 289 20.86 -5.44 1.79
CA LYS A 289 21.92 -4.46 1.75
C LYS A 289 22.09 -3.77 3.08
N GLU A 290 23.32 -3.36 3.39
CA GLU A 290 23.59 -2.67 4.64
C GLU A 290 22.78 -1.38 4.81
N LEU A 291 22.69 -0.57 3.76
CA LEU A 291 21.95 0.67 3.90
C LEU A 291 20.49 0.42 4.35
N ARG A 292 19.88 -0.63 3.83
CA ARG A 292 18.50 -0.97 4.23
C ARG A 292 18.44 -1.36 5.68
N LEU A 293 19.41 -2.12 6.17
CA LEU A 293 19.41 -2.48 7.56
C LEU A 293 19.56 -1.25 8.44
N LYS A 294 20.40 -0.30 8.03
CA LYS A 294 20.54 0.96 8.74
C LYS A 294 19.20 1.72 8.84
N GLN A 295 18.46 1.71 7.75
CA GLN A 295 17.14 2.38 7.74
C GLN A 295 16.19 1.73 8.72
N GLU A 296 16.19 0.40 8.74
CA GLU A 296 15.34 -0.33 9.66
C GLU A 296 15.67 -0.06 11.14
N TYR A 297 16.96 -0.06 11.50
CA TYR A 297 17.31 0.23 12.86
C TYR A 297 17.04 1.70 13.23
N PHE A 298 17.34 2.60 12.31
CA PHE A 298 17.17 4.02 12.50
C PHE A 298 15.73 4.33 12.92
N VAL A 299 14.75 3.83 12.19
CA VAL A 299 13.37 4.09 12.54
C VAL A 299 12.99 3.47 13.88
N VAL A 300 13.46 2.26 14.15
CA VAL A 300 13.15 1.58 15.38
C VAL A 300 13.76 2.24 16.60
N ALA A 301 15.03 2.60 16.53
CA ALA A 301 15.74 3.15 17.66
C ALA A 301 15.20 4.51 18.04
N ALA A 302 14.95 5.35 17.05
CA ALA A 302 14.40 6.70 17.34
C ALA A 302 12.97 6.62 17.92
N THR A 303 12.16 5.78 17.30
CA THR A 303 10.77 5.60 17.69
C THR A 303 10.66 5.07 19.11
N LEU A 304 11.43 4.06 19.46
CA LEU A 304 11.34 3.49 20.80
C LEU A 304 11.72 4.50 21.90
N GLN A 305 12.69 5.37 21.63
CA GLN A 305 13.03 6.41 22.62
C GLN A 305 11.88 7.36 22.85
N ASP A 306 11.17 7.67 21.78
CA ASP A 306 10.01 8.56 21.84
C ASP A 306 8.88 7.90 22.62
N ILE A 307 8.67 6.61 22.37
CA ILE A 307 7.66 5.82 23.08
C ILE A 307 7.93 5.80 24.58
N ILE A 308 9.17 5.55 24.95
CA ILE A 308 9.51 5.43 26.36
C ILE A 308 9.40 6.79 27.06
N ARG A 309 9.81 7.83 26.35
CA ARG A 309 9.75 9.18 26.86
C ARG A 309 8.33 9.52 27.21
N ARG A 310 7.44 9.29 26.26
CA ARG A 310 6.03 9.61 26.43
C ARG A 310 5.41 8.78 27.57
N PHE A 311 5.86 7.53 27.71
CA PHE A 311 5.42 6.66 28.80
C PHE A 311 5.88 7.13 30.16
N LYS A 312 7.12 7.60 30.26
CA LYS A 312 7.61 8.06 31.56
C LYS A 312 6.96 9.36 31.97
N SER A 313 6.51 10.16 31.00
CA SER A 313 5.92 11.44 31.31
C SER A 313 4.43 11.29 31.55
N SER A 314 3.99 10.12 32.01
CA SER A 314 2.57 9.89 32.30
C SER A 314 2.18 10.66 33.56
N THR A 324 8.18 4.60 36.11
CA THR A 324 9.31 3.87 36.67
C THR A 324 8.99 2.37 36.71
N ASN A 325 7.72 2.01 36.74
CA ASN A 325 7.38 0.61 36.78
C ASN A 325 6.88 0.16 35.43
N PHE A 326 7.67 -0.69 34.80
CA PHE A 326 7.35 -1.13 33.46
C PHE A 326 6.31 -2.22 33.40
N ASP A 327 5.80 -2.71 34.53
CA ASP A 327 4.72 -3.69 34.48
C ASP A 327 3.49 -3.10 33.82
N ALA A 328 3.33 -1.78 33.83
CA ALA A 328 2.18 -1.15 33.20
C ALA A 328 2.42 -0.79 31.71
N PHE A 329 3.65 -0.97 31.25
CA PHE A 329 4.00 -0.60 29.89
C PHE A 329 3.03 -1.16 28.86
N PRO A 330 2.74 -2.46 28.89
CA PRO A 330 1.80 -3.00 27.91
C PRO A 330 0.37 -2.52 28.06
N ASP A 331 0.01 -1.96 29.21
CA ASP A 331 -1.31 -1.39 29.36
C ASP A 331 -1.41 -0.03 28.75
N LYS A 332 -0.26 0.60 28.50
CA LYS A 332 -0.21 1.95 28.00
C LYS A 332 0.37 2.06 26.59
N VAL A 333 0.89 0.96 26.08
CA VAL A 333 1.56 0.96 24.79
C VAL A 333 1.26 -0.29 23.99
N ALA A 334 0.92 -0.08 22.72
CA ALA A 334 0.91 -1.18 21.76
C ALA A 334 1.79 -0.80 20.58
N ILE A 335 2.64 -1.73 20.14
CA ILE A 335 3.47 -1.53 18.97
C ILE A 335 3.05 -2.54 17.92
N GLN A 336 2.65 -2.07 16.76
CA GLN A 336 2.26 -2.92 15.64
C GLN A 336 3.34 -2.86 14.56
N LEU A 337 3.87 -4.01 14.21
CA LEU A 337 4.96 -4.13 13.25
C LEU A 337 4.36 -4.43 11.90
N ASN A 338 4.53 -3.50 10.96
CA ASN A 338 4.03 -3.67 9.63
C ASN A 338 5.03 -4.52 8.85
N ASP A 339 4.82 -5.84 8.89
CA ASP A 339 5.74 -6.85 8.41
C ASP A 339 6.99 -6.87 9.26
N THR A 340 8.04 -7.54 8.80
CA THR A 340 9.22 -7.68 9.61
C THR A 340 10.18 -6.51 9.48
N HIS A 341 9.83 -5.53 8.66
CA HIS A 341 10.81 -4.47 8.38
C HIS A 341 11.21 -3.70 9.63
N PRO A 342 10.29 -3.54 10.61
CA PRO A 342 10.70 -2.92 11.87
C PRO A 342 10.90 -3.93 12.98
N SER A 343 11.22 -5.18 12.65
CA SER A 343 11.36 -6.25 13.63
C SER A 343 12.43 -6.04 14.68
N LEU A 344 13.41 -5.18 14.39
CA LEU A 344 14.43 -4.89 15.37
C LEU A 344 13.86 -4.20 16.58
N ALA A 345 12.60 -3.80 16.53
CA ALA A 345 11.93 -3.26 17.73
C ALA A 345 11.95 -4.25 18.89
N ILE A 346 11.89 -5.54 18.58
CA ILE A 346 11.84 -6.56 19.62
C ILE A 346 13.17 -6.61 20.40
N PRO A 347 14.30 -6.86 19.73
CA PRO A 347 15.55 -6.83 20.50
C PRO A 347 15.95 -5.44 20.99
N GLU A 348 15.54 -4.36 20.30
CA GLU A 348 15.81 -3.02 20.84
C GLU A 348 15.06 -2.75 22.17
N LEU A 349 13.80 -3.12 22.24
CA LEU A 349 13.05 -2.96 23.48
C LEU A 349 13.72 -3.77 24.60
N MET A 350 14.12 -5.00 24.28
CA MET A 350 14.86 -5.81 25.27
C MET A 350 16.16 -5.14 25.71
N ARG A 351 16.88 -4.59 24.75
CA ARG A 351 18.13 -3.88 25.04
C ARG A 351 17.92 -2.74 26.02
N VAL A 352 16.91 -1.92 25.74
CA VAL A 352 16.63 -0.77 26.56
C VAL A 352 16.22 -1.22 27.97
N LEU A 353 15.30 -2.18 28.04
CA LEU A 353 14.82 -2.66 29.33
C LEU A 353 15.90 -3.37 30.15
N VAL A 354 16.72 -4.19 29.52
CA VAL A 354 17.73 -4.95 30.24
C VAL A 354 19.00 -4.13 30.53
N ASP A 355 19.55 -3.53 29.49
CA ASP A 355 20.82 -2.84 29.63
C ASP A 355 20.68 -1.46 30.26
N LEU A 356 19.60 -0.74 29.96
CA LEU A 356 19.50 0.63 30.42
C LEU A 356 18.62 0.77 31.66
N GLU A 357 17.47 0.12 31.69
CA GLU A 357 16.55 0.22 32.83
C GLU A 357 16.79 -0.87 33.88
N ARG A 358 17.65 -1.82 33.57
CA ARG A 358 18.05 -2.86 34.53
C ARG A 358 16.98 -3.85 34.98
N LEU A 359 16.01 -4.11 34.12
CA LEU A 359 15.03 -5.13 34.39
C LEU A 359 15.67 -6.47 34.21
N ASP A 360 15.21 -7.47 34.95
CA ASP A 360 15.66 -8.82 34.70
C ASP A 360 15.06 -9.29 33.36
N TRP A 361 15.80 -10.18 32.71
CA TRP A 361 15.43 -10.70 31.42
C TRP A 361 13.99 -11.18 31.34
N ASP A 362 13.59 -12.07 32.23
CA ASP A 362 12.26 -12.65 32.15
C ASP A 362 11.17 -11.59 32.22
N LYS A 363 11.35 -10.58 33.07
CA LYS A 363 10.34 -9.55 33.19
C LYS A 363 10.30 -8.70 31.92
N ALA A 364 11.48 -8.34 31.41
CA ALA A 364 11.59 -7.58 30.17
C ALA A 364 10.94 -8.31 29.00
N TRP A 365 11.16 -9.61 28.89
CA TRP A 365 10.55 -10.39 27.81
C TRP A 365 9.05 -10.42 27.92
N GLU A 366 8.52 -10.53 29.13
CA GLU A 366 7.08 -10.49 29.34
C GLU A 366 6.50 -9.20 28.85
N VAL A 367 7.14 -8.09 29.20
CA VAL A 367 6.69 -6.78 28.74
C VAL A 367 6.74 -6.68 27.22
N THR A 368 7.82 -7.15 26.64
CA THR A 368 8.02 -7.05 25.19
C THR A 368 6.95 -7.80 24.42
N VAL A 369 6.71 -9.06 24.80
CA VAL A 369 5.73 -9.88 24.12
C VAL A 369 4.34 -9.26 24.20
N LYS A 370 3.98 -8.73 25.36
CA LYS A 370 2.66 -8.16 25.52
C LYS A 370 2.48 -6.84 24.81
N THR A 371 3.59 -6.18 24.47
CA THR A 371 3.55 -4.89 23.78
C THR A 371 3.49 -5.04 22.25
N CYS A 372 4.21 -6.03 21.72
CA CYS A 372 4.42 -6.17 20.28
C CYS A 372 3.42 -7.11 19.61
N ALA A 373 3.01 -6.74 18.40
CA ALA A 373 2.22 -7.61 17.55
C ALA A 373 2.73 -7.47 16.12
N TYR A 374 2.60 -8.55 15.36
CA TYR A 374 3.20 -8.66 14.04
C TYR A 374 2.19 -8.99 12.97
N THR A 375 2.22 -8.24 11.87
CA THR A 375 1.39 -8.51 10.72
C THR A 375 2.26 -8.98 9.56
N ASN A 376 1.97 -10.17 9.04
CA ASN A 376 2.62 -10.69 7.87
C ASN A 376 1.84 -10.39 6.62
N HIS A 377 2.52 -9.99 5.54
CA HIS A 377 1.88 -9.60 4.31
C HIS A 377 2.33 -10.40 3.09
N THR A 378 3.04 -11.50 3.28
CA THR A 378 3.50 -12.24 2.10
C THR A 378 3.98 -13.63 2.47
N VAL A 379 3.80 -14.57 1.56
CA VAL A 379 4.40 -15.90 1.72
C VAL A 379 5.42 -16.19 0.65
N LEU A 380 5.68 -15.24 -0.24
CA LEU A 380 6.67 -15.51 -1.27
C LEU A 380 8.06 -15.61 -0.65
N PRO A 381 8.78 -16.71 -0.90
CA PRO A 381 10.08 -16.89 -0.23
C PRO A 381 11.09 -15.78 -0.48
N GLU A 382 11.11 -15.22 -1.67
CA GLU A 382 12.09 -14.19 -1.98
C GLU A 382 11.76 -12.85 -1.30
N ALA A 383 10.60 -12.75 -0.67
CA ALA A 383 10.19 -11.52 0.04
C ALA A 383 10.51 -11.54 1.52
N LEU A 384 10.84 -12.71 2.07
CA LEU A 384 11.05 -12.85 3.50
C LEU A 384 12.43 -12.36 3.89
N GLU A 385 12.51 -11.59 4.96
CA GLU A 385 13.78 -11.02 5.37
C GLU A 385 14.62 -12.04 6.13
N ARG A 386 15.80 -12.32 5.62
CA ARG A 386 16.77 -13.21 6.27
C ARG A 386 18.09 -12.50 6.24
N TRP A 387 18.48 -11.88 7.33
CA TRP A 387 19.66 -11.05 7.34
C TRP A 387 20.92 -11.86 7.66
N PRO A 388 21.97 -11.72 6.84
CA PRO A 388 23.26 -12.35 7.17
C PRO A 388 23.77 -11.96 8.56
N VAL A 389 24.20 -12.95 9.34
CA VAL A 389 24.73 -12.73 10.65
C VAL A 389 25.93 -11.80 10.65
N HIS A 390 26.80 -11.88 9.63
CA HIS A 390 27.99 -11.01 9.62
C HIS A 390 27.62 -9.51 9.56
N LEU A 391 26.51 -9.17 8.91
CA LEU A 391 26.07 -7.78 8.88
C LEU A 391 25.60 -7.30 10.23
N LEU A 392 24.80 -8.10 10.92
CA LEU A 392 24.30 -7.72 12.24
C LEU A 392 25.44 -7.67 13.23
N GLU A 393 26.39 -8.58 13.06
CA GLU A 393 27.53 -8.65 13.92
C GLU A 393 28.33 -7.37 13.90
N THR A 394 28.53 -6.80 12.72
CA THR A 394 29.29 -5.56 12.58
C THR A 394 28.47 -4.34 12.96
N LEU A 395 27.21 -4.30 12.52
CA LEU A 395 26.42 -3.08 12.68
C LEU A 395 25.75 -2.96 14.04
N LEU A 396 25.30 -4.08 14.60
CA LEU A 396 24.43 -4.08 15.76
C LEU A 396 24.83 -5.23 16.66
N PRO A 397 26.09 -5.21 17.14
CA PRO A 397 26.61 -6.34 17.90
C PRO A 397 25.82 -6.70 19.12
N ARG A 398 25.28 -5.73 19.84
CA ARG A 398 24.49 -6.08 21.01
C ARG A 398 23.15 -6.72 20.63
N HIS A 399 22.52 -6.26 19.55
CA HIS A 399 21.28 -6.87 19.13
C HIS A 399 21.46 -8.30 18.71
N LEU A 400 22.57 -8.63 18.08
CA LEU A 400 22.81 -10.02 17.71
C LEU A 400 22.92 -10.90 18.98
N GLN A 401 23.60 -10.41 20.00
CA GLN A 401 23.70 -11.15 21.27
C GLN A 401 22.33 -11.41 21.82
N ILE A 402 21.48 -10.39 21.83
CA ILE A 402 20.14 -10.54 22.32
C ILE A 402 19.32 -11.52 21.48
N ILE A 403 19.45 -11.46 20.17
CA ILE A 403 18.73 -12.39 19.31
C ILE A 403 19.15 -13.83 19.61
N TYR A 404 20.44 -14.03 19.83
CA TYR A 404 20.91 -15.38 20.16
C TYR A 404 20.29 -15.86 21.46
N GLU A 405 20.22 -14.98 22.46
CA GLU A 405 19.64 -15.35 23.73
C GLU A 405 18.13 -15.63 23.62
N ILE A 406 17.43 -14.85 22.81
CA ILE A 406 16.01 -15.10 22.55
C ILE A 406 15.85 -16.50 21.93
N ASN A 407 16.71 -16.82 20.97
CA ASN A 407 16.59 -18.05 20.26
C ASN A 407 16.80 -19.26 21.20
N GLN A 408 17.80 -19.16 22.06
CA GLN A 408 18.11 -20.27 22.99
C GLN A 408 16.94 -20.55 23.91
N ARG A 409 16.35 -19.49 24.46
CA ARG A 409 15.25 -19.63 25.36
C ARG A 409 14.00 -20.13 24.65
N PHE A 410 13.76 -19.64 23.44
CA PHE A 410 12.62 -20.10 22.65
C PHE A 410 12.75 -21.59 22.33
N LEU A 411 13.91 -21.98 21.87
CA LEU A 411 14.12 -23.36 21.45
C LEU A 411 14.06 -24.29 22.66
N ASN A 412 14.42 -23.80 23.84
CA ASN A 412 14.23 -24.59 25.05
C ASN A 412 12.77 -24.87 25.31
N ARG A 413 11.91 -23.91 24.99
CA ARG A 413 10.49 -24.16 25.12
C ARG A 413 9.99 -25.16 24.12
N VAL A 414 10.52 -25.11 22.89
CA VAL A 414 10.08 -25.98 21.83
C VAL A 414 10.44 -27.42 22.23
N ALA A 415 11.66 -27.59 22.72
CA ALA A 415 12.17 -28.91 23.11
C ALA A 415 11.36 -29.53 24.23
N ALA A 416 10.92 -28.71 25.17
CA ALA A 416 10.05 -29.16 26.25
C ALA A 416 8.67 -29.58 25.76
N ALA A 417 8.17 -28.92 24.71
CA ALA A 417 6.84 -29.20 24.18
C ALA A 417 6.85 -30.39 23.24
N PHE A 418 7.96 -30.58 22.53
CA PHE A 418 8.05 -31.60 21.48
C PHE A 418 9.35 -32.35 21.69
N PRO A 419 9.43 -33.11 22.78
CA PRO A 419 10.67 -33.77 23.15
C PRO A 419 11.15 -34.73 22.09
N GLY A 420 12.43 -34.66 21.77
CA GLY A 420 13.02 -35.50 20.77
C GLY A 420 12.84 -35.08 19.32
N ASP A 421 12.04 -34.04 19.04
CA ASP A 421 11.75 -33.67 17.68
C ASP A 421 12.84 -32.70 17.22
N VAL A 422 13.98 -33.24 16.81
CA VAL A 422 15.14 -32.42 16.48
C VAL A 422 14.98 -31.69 15.15
N ASP A 423 14.24 -32.24 14.21
CA ASP A 423 14.08 -31.50 12.99
C ASP A 423 13.22 -30.26 13.25
N ARG A 424 12.29 -30.32 14.19
CA ARG A 424 11.47 -29.15 14.52
C ARG A 424 12.36 -28.05 15.09
N LEU A 425 13.31 -28.41 15.94
CA LEU A 425 14.25 -27.43 16.46
C LEU A 425 14.98 -26.70 15.35
N ARG A 426 15.47 -27.41 14.33
CA ARG A 426 16.16 -26.71 13.25
C ARG A 426 15.21 -25.86 12.41
N ARG A 427 13.99 -26.33 12.16
CA ARG A 427 13.02 -25.58 11.38
C ARG A 427 12.53 -24.29 12.05
N MET A 428 12.45 -24.30 13.36
CA MET A 428 11.86 -23.20 14.09
C MET A 428 12.90 -22.19 14.55
N SER A 429 14.18 -22.52 14.41
CA SER A 429 15.22 -21.66 14.94
C SER A 429 15.16 -20.28 14.28
N LEU A 430 15.53 -19.25 15.02
CA LEU A 430 15.65 -17.91 14.42
C LEU A 430 16.91 -17.84 13.60
N VAL A 431 17.87 -18.72 13.89
CA VAL A 431 19.14 -18.75 13.19
C VAL A 431 19.12 -19.82 12.13
N GLU A 432 19.29 -19.43 10.88
CA GLU A 432 19.36 -20.40 9.80
C GLU A 432 20.80 -20.75 9.48
N GLU A 433 21.05 -22.05 9.43
CA GLU A 433 22.35 -22.61 9.12
C GLU A 433 22.58 -22.66 7.63
N GLY A 434 23.83 -22.67 7.22
CA GLY A 434 24.14 -22.86 5.81
C GLY A 434 25.41 -22.19 5.38
N ALA A 435 25.52 -21.98 4.07
CA ALA A 435 26.65 -21.32 3.48
C ALA A 435 26.91 -20.06 4.29
N VAL A 436 25.89 -19.23 4.44
CA VAL A 436 26.02 -18.08 5.30
C VAL A 436 24.90 -18.15 6.29
N LYS A 437 25.24 -17.98 7.56
CA LYS A 437 24.24 -18.02 8.61
C LYS A 437 23.39 -16.74 8.48
N ARG A 438 22.09 -16.87 8.70
CA ARG A 438 21.19 -15.73 8.62
C ARG A 438 20.20 -15.78 9.77
N ILE A 439 19.62 -14.63 10.08
CA ILE A 439 18.54 -14.57 11.07
C ILE A 439 17.24 -14.48 10.34
N ASN A 440 16.28 -15.33 10.65
CA ASN A 440 14.96 -15.28 10.02
C ASN A 440 14.11 -14.29 10.84
N MET A 441 13.79 -13.15 10.26
CA MET A 441 13.15 -12.12 11.04
C MET A 441 11.69 -12.43 11.34
N ALA A 442 11.06 -13.24 10.49
CA ALA A 442 9.66 -13.65 10.74
C ALA A 442 9.61 -14.51 11.98
N HIS A 443 10.60 -15.38 12.14
CA HIS A 443 10.63 -16.23 13.31
C HIS A 443 10.83 -15.40 14.57
N LEU A 444 11.69 -14.39 14.49
CA LEU A 444 11.91 -13.48 15.59
C LEU A 444 10.60 -12.77 15.99
N CYS A 445 9.86 -12.31 14.99
CA CYS A 445 8.61 -11.59 15.26
C CYS A 445 7.57 -12.48 15.91
N ILE A 446 7.47 -13.72 15.46
CA ILE A 446 6.49 -14.61 16.06
C ILE A 446 6.84 -14.90 17.52
N ALA A 447 8.10 -15.19 17.79
CA ALA A 447 8.55 -15.48 19.15
C ALA A 447 8.29 -14.31 20.11
N GLY A 448 8.49 -13.09 19.59
CA GLY A 448 8.41 -11.87 20.39
C GLY A 448 7.12 -11.06 20.34
N SER A 449 6.05 -11.61 19.78
CA SER A 449 4.75 -10.94 19.67
C SER A 449 3.64 -11.78 20.32
N HIS A 450 2.68 -11.12 20.93
CA HIS A 450 1.52 -11.80 21.49
C HIS A 450 0.45 -12.10 20.46
N ALA A 451 0.57 -11.52 19.27
CA ALA A 451 -0.38 -11.78 18.19
C ALA A 451 0.34 -11.70 16.87
N VAL A 452 -0.07 -12.56 15.96
CA VAL A 452 0.45 -12.64 14.62
C VAL A 452 -0.74 -12.75 13.72
N ASN A 453 -0.85 -11.89 12.72
CA ASN A 453 -1.97 -11.98 11.81
C ASN A 453 -1.59 -11.92 10.35
N GLY A 454 -2.42 -12.56 9.53
CA GLY A 454 -2.38 -12.43 8.10
C GLY A 454 -3.44 -11.42 7.70
N VAL A 455 -3.56 -11.18 6.42
CA VAL A 455 -4.30 -10.03 5.93
C VAL A 455 -5.51 -10.35 5.07
N ALA A 456 -5.86 -11.63 4.99
CA ALA A 456 -7.10 -12.07 4.38
C ALA A 456 -7.29 -13.50 4.86
N ARG A 457 -8.53 -13.96 4.92
CA ARG A 457 -8.79 -15.26 5.53
C ARG A 457 -7.97 -16.38 4.90
N ILE A 458 -7.93 -16.46 3.59
CA ILE A 458 -7.18 -17.56 2.97
C ILE A 458 -5.68 -17.45 3.27
N HIS A 459 -5.17 -16.22 3.35
CA HIS A 459 -3.76 -16.00 3.64
C HIS A 459 -3.45 -16.42 5.06
N SER A 460 -4.29 -16.03 6.02
CA SER A 460 -4.09 -16.42 7.40
C SER A 460 -4.15 -17.95 7.59
N GLU A 461 -4.97 -18.61 6.79
CA GLU A 461 -5.05 -20.09 6.82
C GLU A 461 -3.76 -20.67 6.28
N ILE A 462 -3.30 -20.13 5.16
CA ILE A 462 -2.07 -20.56 4.53
C ILE A 462 -0.93 -20.46 5.54
N LEU A 463 -0.90 -19.37 6.31
CA LEU A 463 0.17 -19.22 7.28
C LEU A 463 0.18 -20.37 8.29
N LYS A 464 -0.99 -20.79 8.74
CA LYS A 464 -1.08 -21.84 9.75
C LYS A 464 -0.83 -23.21 9.18
N LYS A 465 -1.04 -23.39 7.88
CA LYS A 465 -0.89 -24.70 7.27
C LYS A 465 0.45 -24.92 6.67
N THR A 466 1.18 -23.87 6.35
CA THR A 466 2.46 -24.02 5.66
C THR A 466 3.60 -23.33 6.40
N ILE A 467 3.93 -22.10 6.04
CA ILE A 467 5.21 -21.56 6.51
C ILE A 467 5.32 -21.36 8.00
N PHE A 468 4.21 -21.14 8.71
CA PHE A 468 4.30 -20.99 10.17
C PHE A 468 3.60 -22.12 10.94
N LYS A 469 3.38 -23.26 10.30
CA LYS A 469 2.73 -24.42 10.91
C LYS A 469 3.31 -24.82 12.27
N ASP A 470 4.62 -24.92 12.34
CA ASP A 470 5.30 -25.32 13.58
C ASP A 470 4.97 -24.36 14.72
N PHE A 471 4.89 -23.06 14.41
CA PHE A 471 4.64 -22.03 15.41
C PHE A 471 3.19 -22.04 15.85
N TYR A 472 2.30 -22.31 14.91
CA TYR A 472 0.90 -22.45 15.22
C TYR A 472 0.66 -23.65 16.17
N GLU A 473 1.42 -24.73 15.99
CA GLU A 473 1.27 -25.91 16.87
C GLU A 473 1.78 -25.64 18.27
N LEU A 474 2.84 -24.83 18.39
CA LEU A 474 3.33 -24.44 19.70
C LEU A 474 2.43 -23.43 20.40
N GLU A 475 1.96 -22.41 19.67
CA GLU A 475 1.20 -21.29 20.29
C GLU A 475 -0.02 -20.89 19.44
N PRO A 476 -1.04 -21.76 19.41
CA PRO A 476 -2.19 -21.55 18.53
C PRO A 476 -2.90 -20.23 18.80
N HIS A 477 -2.92 -19.82 20.06
CA HIS A 477 -3.62 -18.62 20.47
C HIS A 477 -3.05 -17.33 19.86
N LYS A 478 -1.82 -17.35 19.39
CA LYS A 478 -1.22 -16.15 18.80
C LYS A 478 -1.80 -15.82 17.44
N PHE A 479 -2.27 -16.82 16.70
CA PHE A 479 -2.61 -16.61 15.30
C PHE A 479 -4.02 -16.10 15.02
N GLN A 480 -4.08 -14.99 14.28
CA GLN A 480 -5.34 -14.36 13.95
C GLN A 480 -5.42 -13.98 12.48
N ASN A 481 -6.61 -13.57 12.06
CA ASN A 481 -6.80 -12.93 10.76
C ASN A 481 -7.34 -11.52 10.94
N LYS A 482 -6.89 -10.62 10.09
CA LYS A 482 -7.46 -9.27 10.02
C LYS A 482 -7.51 -8.93 8.56
N THR A 483 -8.65 -9.17 7.93
CA THR A 483 -8.78 -8.91 6.51
C THR A 483 -8.61 -7.41 6.24
N ASN A 484 -7.82 -7.10 5.22
CA ASN A 484 -7.53 -5.71 4.87
C ASN A 484 -8.78 -4.93 4.45
N GLY A 485 -8.60 -3.62 4.35
CA GLY A 485 -9.63 -2.73 3.91
C GLY A 485 -9.01 -1.48 3.33
N ILE A 486 -9.87 -0.60 2.84
CA ILE A 486 -9.48 0.69 2.28
C ILE A 486 -10.37 1.78 2.87
N THR A 487 -9.90 3.01 2.91
CA THR A 487 -10.69 4.06 3.53
C THR A 487 -11.70 4.58 2.52
N PRO A 488 -12.96 4.63 2.90
CA PRO A 488 -13.92 5.11 1.92
C PRO A 488 -13.94 6.63 1.78
N ARG A 489 -13.17 7.35 2.59
CA ARG A 489 -13.00 8.77 2.35
C ARG A 489 -12.21 8.99 1.08
N ARG A 490 -10.94 8.60 1.06
CA ARG A 490 -10.19 8.75 -0.16
C ARG A 490 -10.76 7.96 -1.33
N TRP A 491 -11.18 6.73 -1.10
CA TRP A 491 -11.46 5.86 -2.21
C TRP A 491 -12.91 5.83 -2.67
N LEU A 492 -13.73 6.76 -2.19
CA LEU A 492 -15.07 6.93 -2.73
C LEU A 492 -15.41 8.42 -2.77
N VAL A 493 -15.47 9.05 -1.62
CA VAL A 493 -15.92 10.45 -1.54
C VAL A 493 -14.98 11.37 -2.28
N LEU A 494 -13.70 11.19 -2.03
CA LEU A 494 -12.71 12.03 -2.69
C LEU A 494 -12.59 11.77 -4.18
N CYS A 495 -12.42 10.52 -4.62
CA CYS A 495 -12.15 10.24 -6.01
C CYS A 495 -13.40 10.09 -6.90
N ASN A 496 -14.56 9.89 -6.28
CA ASN A 496 -15.78 9.62 -7.05
C ASN A 496 -16.97 10.34 -6.42
N PRO A 497 -16.89 11.68 -6.39
CA PRO A 497 -17.95 12.43 -5.74
C PRO A 497 -19.34 12.19 -6.35
N GLY A 498 -19.38 11.97 -7.66
CA GLY A 498 -20.64 11.68 -8.35
C GLY A 498 -21.34 10.46 -7.82
N LEU A 499 -20.58 9.40 -7.57
CA LEU A 499 -21.16 8.20 -7.02
C LEU A 499 -21.54 8.40 -5.57
N ALA A 500 -20.69 9.06 -4.80
CA ALA A 500 -21.01 9.30 -3.41
C ALA A 500 -22.35 10.06 -3.24
N GLU A 501 -22.58 10.99 -4.15
CA GLU A 501 -23.77 11.85 -4.10
C GLU A 501 -25.03 11.07 -4.43
N ILE A 502 -25.01 10.29 -5.51
CA ILE A 502 -26.23 9.57 -5.87
C ILE A 502 -26.53 8.53 -4.83
N ILE A 503 -25.52 8.07 -4.11
CA ILE A 503 -25.76 7.18 -3.00
C ILE A 503 -26.35 7.95 -1.85
N ALA A 504 -25.78 9.11 -1.52
CA ALA A 504 -26.24 9.83 -0.32
C ALA A 504 -27.71 10.25 -0.50
N GLU A 505 -28.08 10.48 -1.75
CA GLU A 505 -29.46 10.91 -2.06
C GLU A 505 -30.48 9.89 -1.58
N ARG A 506 -30.13 8.62 -1.66
CA ARG A 506 -31.02 7.56 -1.23
C ARG A 506 -30.90 7.21 0.20
N ILE A 507 -29.68 7.10 0.72
CA ILE A 507 -29.50 6.57 2.07
C ILE A 507 -28.84 7.49 3.10
N GLY A 508 -28.66 8.76 2.77
CA GLY A 508 -28.08 9.72 3.70
C GLY A 508 -26.55 9.62 3.64
N GLU A 509 -25.88 10.36 4.51
CA GLU A 509 -24.40 10.51 4.49
C GLU A 509 -23.69 9.63 5.49
N GLU A 510 -24.43 8.93 6.33
CA GLU A 510 -23.84 8.17 7.43
C GLU A 510 -22.92 7.06 6.98
N TYR A 511 -23.10 6.57 5.75
CA TYR A 511 -22.34 5.42 5.27
C TYR A 511 -20.85 5.73 5.14
N ILE A 512 -20.50 7.02 5.06
CA ILE A 512 -19.10 7.41 4.82
C ILE A 512 -18.21 6.97 5.99
N SER A 513 -18.78 6.88 7.19
CA SER A 513 -18.07 6.34 8.37
C SER A 513 -18.72 5.08 8.93
N ASP A 514 -19.58 4.45 8.14
CA ASP A 514 -20.23 3.19 8.51
C ASP A 514 -20.59 2.50 7.21
N LEU A 515 -19.59 1.96 6.53
CA LEU A 515 -19.78 1.54 5.15
C LEU A 515 -20.76 0.37 4.97
N ASP A 516 -21.00 -0.37 6.05
CA ASP A 516 -22.00 -1.45 6.04
C ASP A 516 -23.37 -0.94 5.68
N GLN A 517 -23.61 0.35 5.76
CA GLN A 517 -24.90 0.89 5.38
C GLN A 517 -25.15 0.81 3.89
N LEU A 518 -24.11 0.59 3.10
CA LEU A 518 -24.29 0.40 1.67
C LEU A 518 -25.21 -0.79 1.38
N ARG A 519 -25.39 -1.71 2.32
CA ARG A 519 -26.31 -2.83 2.05
C ARG A 519 -27.71 -2.31 1.75
N LYS A 520 -28.04 -1.13 2.24
CA LYS A 520 -29.37 -0.59 1.98
C LYS A 520 -29.63 -0.42 0.52
N LEU A 521 -28.56 -0.34 -0.29
CA LEU A 521 -28.72 -0.17 -1.72
C LEU A 521 -29.28 -1.37 -2.43
N LEU A 522 -29.35 -2.53 -1.79
CA LEU A 522 -29.90 -3.68 -2.47
C LEU A 522 -31.39 -3.45 -2.76
N SER A 523 -32.02 -2.58 -1.97
CA SER A 523 -33.43 -2.22 -2.19
C SER A 523 -33.67 -1.43 -3.45
N TYR A 524 -32.60 -1.00 -4.10
CA TYR A 524 -32.70 -0.19 -5.28
C TYR A 524 -32.22 -0.90 -6.52
N VAL A 525 -31.97 -2.20 -6.43
CA VAL A 525 -31.44 -2.93 -7.57
C VAL A 525 -32.44 -3.05 -8.74
N ASP A 526 -33.74 -2.89 -8.45
CA ASP A 526 -34.76 -2.88 -9.50
C ASP A 526 -35.34 -1.51 -9.72
N ASP A 527 -34.75 -0.49 -9.10
CA ASP A 527 -35.22 0.88 -9.24
C ASP A 527 -34.63 1.47 -10.51
N GLU A 528 -35.49 1.80 -11.46
CA GLU A 528 -35.05 2.28 -12.76
C GLU A 528 -34.24 3.57 -12.70
N ALA A 529 -34.58 4.47 -11.78
CA ALA A 529 -33.91 5.77 -11.68
C ALA A 529 -32.47 5.56 -11.18
N PHE A 530 -32.31 4.70 -10.19
CA PHE A 530 -30.98 4.40 -9.62
C PHE A 530 -30.09 3.73 -10.62
N ILE A 531 -30.62 2.71 -11.30
CA ILE A 531 -29.88 2.05 -12.35
C ILE A 531 -29.36 3.08 -13.35
N ARG A 532 -30.21 4.00 -13.75
CA ARG A 532 -29.80 4.99 -14.71
C ARG A 532 -28.72 5.91 -14.13
N ASP A 533 -28.86 6.29 -12.87
CA ASP A 533 -27.91 7.22 -12.25
C ASP A 533 -26.53 6.56 -12.09
N VAL A 534 -26.51 5.31 -11.66
CA VAL A 534 -25.23 4.58 -11.49
C VAL A 534 -24.52 4.51 -12.85
N ALA A 535 -25.25 4.13 -13.88
CA ALA A 535 -24.68 4.07 -15.22
C ALA A 535 -24.24 5.43 -15.73
N LYS A 536 -24.96 6.48 -15.38
CA LYS A 536 -24.58 7.80 -15.83
C LYS A 536 -23.26 8.25 -15.17
N VAL A 537 -23.10 7.98 -13.90
CA VAL A 537 -21.88 8.39 -13.17
C VAL A 537 -20.64 7.70 -13.77
N LYS A 538 -20.77 6.42 -14.09
CA LYS A 538 -19.67 5.68 -14.74
C LYS A 538 -19.33 6.28 -16.09
N GLN A 539 -20.34 6.59 -16.90
CA GLN A 539 -20.07 7.19 -18.19
C GLN A 539 -19.39 8.54 -18.06
N GLU A 540 -19.78 9.34 -17.08
CA GLU A 540 -19.16 10.64 -16.85
C GLU A 540 -17.71 10.44 -16.43
N ASN A 541 -17.47 9.46 -15.57
CA ASN A 541 -16.09 9.20 -15.15
C ASN A 541 -15.25 8.73 -16.32
N LYS A 542 -15.81 7.90 -17.19
CA LYS A 542 -15.07 7.46 -18.34
C LYS A 542 -14.75 8.57 -19.33
N LEU A 543 -15.69 9.50 -19.51
CA LEU A 543 -15.46 10.64 -20.40
C LEU A 543 -14.35 11.51 -19.87
N LYS A 544 -14.39 11.78 -18.58
CA LYS A 544 -13.39 12.60 -17.93
C LYS A 544 -12.00 11.97 -18.02
N PHE A 545 -11.92 10.65 -17.86
CA PHE A 545 -10.63 9.99 -17.95
C PHE A 545 -10.12 9.95 -19.38
N ALA A 546 -11.03 9.72 -20.33
CA ALA A 546 -10.67 9.74 -21.74
C ALA A 546 -10.09 11.09 -22.13
N ALA A 547 -10.63 12.13 -21.52
CA ALA A 547 -10.18 13.49 -21.77
C ALA A 547 -8.80 13.70 -21.18
N TYR A 548 -8.57 13.15 -19.99
CA TYR A 548 -7.28 13.29 -19.33
C TYR A 548 -6.22 12.66 -20.18
N LEU A 549 -6.53 11.50 -20.75
CA LEU A 549 -5.58 10.82 -21.61
C LEU A 549 -5.12 11.70 -22.76
N GLU A 550 -6.06 12.33 -23.46
CA GLU A 550 -5.72 13.18 -24.59
C GLU A 550 -4.87 14.40 -24.17
N ARG A 551 -5.32 15.14 -23.16
CA ARG A 551 -4.57 16.30 -22.66
C ARG A 551 -3.11 15.96 -22.30
N GLU A 552 -2.92 15.20 -21.23
CA GLU A 552 -1.57 14.98 -20.66
C GLU A 552 -0.73 13.92 -21.38
N TYR A 553 -1.35 13.09 -22.21
CA TYR A 553 -0.61 12.03 -22.93
C TYR A 553 -0.98 11.85 -24.40
N LYS A 554 -1.77 12.78 -24.96
CA LYS A 554 -2.12 12.79 -26.40
C LYS A 554 -2.51 11.43 -26.98
N VAL A 555 -3.33 10.70 -26.24
CA VAL A 555 -3.76 9.37 -26.61
C VAL A 555 -5.27 9.36 -26.80
N HIS A 556 -5.74 8.86 -27.94
CA HIS A 556 -7.19 8.83 -28.14
C HIS A 556 -7.84 7.50 -27.83
N ILE A 557 -8.97 7.55 -27.10
CA ILE A 557 -9.72 6.35 -26.81
C ILE A 557 -11.23 6.49 -26.97
N ASN A 558 -11.88 5.38 -27.31
CA ASN A 558 -13.31 5.32 -27.49
C ASN A 558 -14.03 5.13 -26.15
N PRO A 559 -14.72 6.17 -25.66
CA PRO A 559 -15.34 6.09 -24.33
C PRO A 559 -16.54 5.14 -24.21
N ASN A 560 -16.97 4.54 -25.31
CA ASN A 560 -18.04 3.56 -25.28
C ASN A 560 -17.56 2.13 -25.16
N SER A 561 -16.26 1.94 -25.17
CA SER A 561 -15.69 0.61 -25.06
C SER A 561 -15.70 0.19 -23.60
N LEU A 562 -15.54 -1.10 -23.37
CA LEU A 562 -15.42 -1.64 -22.02
C LEU A 562 -14.01 -1.28 -21.54
N PHE A 563 -13.90 -0.63 -20.39
CA PHE A 563 -12.60 -0.23 -19.84
C PHE A 563 -12.10 -1.35 -18.92
N ASP A 564 -11.14 -2.09 -19.45
CA ASP A 564 -10.59 -3.32 -18.87
C ASP A 564 -9.23 -2.95 -18.27
N VAL A 565 -9.12 -2.90 -16.94
CA VAL A 565 -7.94 -2.31 -16.32
C VAL A 565 -7.25 -3.21 -15.31
N GLN A 566 -5.92 -3.23 -15.44
CA GLN A 566 -5.06 -3.94 -14.49
C GLN A 566 -3.97 -2.95 -14.05
N VAL A 567 -4.14 -2.37 -12.89
CA VAL A 567 -3.16 -1.48 -12.33
C VAL A 567 -2.68 -2.00 -10.97
N LYS A 568 -1.36 -2.12 -10.86
CA LYS A 568 -0.69 -2.68 -9.69
C LYS A 568 0.79 -2.81 -10.09
N ARG A 569 1.66 -3.09 -9.13
CA ARG A 569 3.06 -3.25 -9.47
C ARG A 569 3.25 -4.38 -10.46
N ILE A 570 4.28 -4.26 -11.28
CA ILE A 570 4.58 -5.29 -12.25
C ILE A 570 5.34 -6.42 -11.55
N HIS A 571 4.77 -7.62 -11.63
CA HIS A 571 5.33 -8.85 -10.98
CA HIS A 571 5.25 -8.83 -11.01
C HIS A 571 4.86 -10.10 -11.75
N GLU A 572 5.73 -11.09 -11.73
CA GLU A 572 5.33 -12.36 -12.31
C GLU A 572 4.13 -12.95 -11.59
N TYR A 573 4.06 -12.82 -10.27
CA TYR A 573 2.97 -13.44 -9.55
C TYR A 573 1.64 -12.81 -9.84
N LYS A 574 1.66 -11.53 -10.20
CA LYS A 574 0.40 -10.80 -10.49
C LYS A 574 -0.11 -11.10 -11.91
N ARG A 575 0.74 -11.73 -12.73
CA ARG A 575 0.37 -12.27 -14.05
C ARG A 575 -0.23 -11.24 -15.05
N GLN A 576 0.39 -10.08 -15.13
CA GLN A 576 0.13 -9.19 -16.26
C GLN A 576 0.33 -9.98 -17.55
N LEU A 577 1.23 -10.97 -17.53
CA LEU A 577 1.43 -11.81 -18.72
C LEU A 577 0.20 -12.59 -19.14
N LEU A 578 -0.61 -13.03 -18.21
CA LEU A 578 -1.81 -13.74 -18.55
C LEU A 578 -2.75 -12.78 -19.29
N ASN A 579 -2.82 -11.54 -18.79
CA ASN A 579 -3.63 -10.51 -19.45
C ASN A 579 -3.14 -10.34 -20.86
N CYS A 580 -1.84 -10.18 -21.06
CA CYS A 580 -1.28 -10.05 -22.40
C CYS A 580 -1.68 -11.16 -23.34
N LEU A 581 -1.71 -12.39 -22.83
CA LEU A 581 -2.07 -13.53 -23.66
C LEU A 581 -3.51 -13.38 -24.10
N HIS A 582 -4.39 -12.90 -23.22
CA HIS A 582 -5.78 -12.69 -23.63
C HIS A 582 -5.90 -11.60 -24.70
N VAL A 583 -5.16 -10.51 -24.52
CA VAL A 583 -5.19 -9.42 -25.47
C VAL A 583 -4.80 -9.92 -26.84
N ILE A 584 -3.72 -10.69 -26.92
CA ILE A 584 -3.26 -11.20 -28.22
C ILE A 584 -4.28 -12.17 -28.82
N THR A 585 -4.93 -12.95 -27.98
CA THR A 585 -5.98 -13.85 -28.40
C THR A 585 -7.09 -13.05 -29.07
N LEU A 586 -7.54 -11.99 -28.41
CA LEU A 586 -8.56 -11.11 -28.96
C LEU A 586 -8.17 -10.54 -30.32
N TYR A 587 -6.94 -10.06 -30.41
CA TYR A 587 -6.42 -9.53 -31.64
C TYR A 587 -6.42 -10.57 -32.75
N ASN A 588 -5.87 -11.73 -32.45
CA ASN A 588 -5.83 -12.82 -33.44
C ASN A 588 -7.22 -13.24 -33.93
N ARG A 589 -8.20 -13.27 -33.02
CA ARG A 589 -9.58 -13.63 -33.38
C ARG A 589 -10.22 -12.59 -34.31
N ILE A 590 -9.93 -11.32 -34.06
CA ILE A 590 -10.39 -10.26 -34.94
C ILE A 590 -9.76 -10.41 -36.33
N LYS A 591 -8.45 -10.61 -36.38
CA LYS A 591 -7.77 -10.78 -37.65
C LYS A 591 -8.31 -11.97 -38.45
N LYS A 592 -8.77 -12.98 -37.76
CA LYS A 592 -9.29 -14.18 -38.37
C LYS A 592 -10.69 -13.97 -38.96
N GLU A 593 -11.53 -13.22 -38.26
CA GLU A 593 -12.89 -12.90 -38.70
C GLU A 593 -13.16 -11.42 -38.51
N PRO A 594 -12.59 -10.58 -39.38
CA PRO A 594 -12.63 -9.13 -39.21
C PRO A 594 -14.04 -8.54 -39.14
N ASN A 595 -14.99 -9.16 -39.85
CA ASN A 595 -16.32 -8.61 -40.02
C ASN A 595 -17.35 -9.15 -39.03
N LYS A 596 -16.89 -9.87 -38.01
CA LYS A 596 -17.72 -10.36 -36.94
C LYS A 596 -17.77 -9.31 -35.81
N PHE A 597 -18.91 -9.12 -35.17
CA PHE A 597 -18.99 -8.12 -34.09
C PHE A 597 -18.38 -8.65 -32.79
N VAL A 598 -17.58 -7.81 -32.15
CA VAL A 598 -17.04 -8.11 -30.81
C VAL A 598 -17.18 -6.87 -29.98
N VAL A 599 -17.44 -7.05 -28.69
CA VAL A 599 -17.60 -5.93 -27.78
C VAL A 599 -16.28 -5.17 -27.72
N PRO A 600 -16.32 -3.87 -28.02
CA PRO A 600 -15.10 -3.07 -28.04
C PRO A 600 -14.52 -2.93 -26.66
N ARG A 601 -13.19 -3.00 -26.56
CA ARG A 601 -12.51 -2.88 -25.28
C ARG A 601 -11.39 -1.90 -25.35
N THR A 602 -11.15 -1.21 -24.25
CA THR A 602 -9.91 -0.49 -24.07
C THR A 602 -9.23 -1.19 -22.94
N VAL A 603 -8.08 -1.81 -23.23
CA VAL A 603 -7.32 -2.55 -22.23
C VAL A 603 -6.20 -1.66 -21.72
N MET A 604 -6.24 -1.37 -20.44
CA MET A 604 -5.25 -0.50 -19.82
C MET A 604 -4.49 -1.26 -18.78
N ILE A 605 -3.18 -1.20 -18.85
CA ILE A 605 -2.32 -1.88 -17.89
C ILE A 605 -1.31 -0.85 -17.44
N GLY A 606 -1.12 -0.75 -16.14
CA GLY A 606 -0.15 0.18 -15.59
C GLY A 606 0.50 -0.39 -14.35
N GLY A 607 1.69 0.10 -14.06
CA GLY A 607 2.39 -0.23 -12.86
C GLY A 607 3.88 -0.09 -13.06
N LYS A 608 4.58 0.04 -11.94
CA LYS A 608 6.02 0.19 -11.96
C LYS A 608 6.71 -1.16 -11.74
N ALA A 609 7.85 -1.30 -12.38
CA ALA A 609 8.74 -2.46 -12.18
C ALA A 609 9.88 -2.01 -11.28
N ALA A 610 10.30 -2.87 -10.36
CA ALA A 610 11.53 -2.60 -9.61
C ALA A 610 12.70 -2.46 -10.58
N PRO A 611 13.58 -1.49 -10.33
CA PRO A 611 14.61 -1.16 -11.33
C PRO A 611 15.54 -2.31 -11.66
N GLY A 612 15.78 -3.20 -10.70
CA GLY A 612 16.63 -4.35 -10.95
C GLY A 612 15.93 -5.63 -11.40
N TYR A 613 14.61 -5.58 -11.61
CA TYR A 613 13.81 -6.77 -11.87
C TYR A 613 13.67 -6.89 -13.39
N HIS A 614 14.61 -7.62 -13.98
CA HIS A 614 14.68 -7.72 -15.43
C HIS A 614 13.38 -8.23 -16.08
N MET A 615 12.84 -9.35 -15.60
CA MET A 615 11.64 -9.90 -16.21
C MET A 615 10.47 -8.92 -16.16
N ALA A 616 10.35 -8.17 -15.07
CA ALA A 616 9.28 -7.17 -14.98
C ALA A 616 9.48 -6.06 -15.99
N LYS A 617 10.71 -5.69 -16.27
CA LYS A 617 10.94 -4.67 -17.27
C LYS A 617 10.62 -5.20 -18.65
N MET A 618 10.88 -6.48 -18.87
CA MET A 618 10.56 -7.09 -20.16
C MET A 618 9.06 -7.14 -20.39
N ILE A 619 8.28 -7.36 -19.33
CA ILE A 619 6.83 -7.41 -19.43
C ILE A 619 6.27 -6.04 -19.83
N ILE A 620 6.83 -4.97 -19.29
CA ILE A 620 6.43 -3.64 -19.72
C ILE A 620 6.68 -3.48 -21.20
N LYS A 621 7.85 -3.87 -21.66
CA LYS A 621 8.17 -3.72 -23.07
C LYS A 621 7.25 -4.56 -23.96
N LEU A 622 6.85 -5.75 -23.50
CA LEU A 622 5.91 -6.58 -24.26
C LEU A 622 4.57 -5.86 -24.38
N ILE A 623 4.13 -5.24 -23.29
CA ILE A 623 2.84 -4.58 -23.32
C ILE A 623 2.82 -3.43 -24.31
N THR A 624 3.84 -2.60 -24.32
CA THR A 624 3.87 -1.47 -25.23
C THR A 624 4.05 -2.00 -26.66
N ALA A 625 4.79 -3.09 -26.81
CA ALA A 625 4.99 -3.72 -28.12
C ALA A 625 3.68 -4.25 -28.73
N ILE A 626 2.86 -4.88 -27.91
CA ILE A 626 1.52 -5.33 -28.30
C ILE A 626 0.67 -4.12 -28.74
N GLY A 627 0.73 -3.04 -27.97
CA GLY A 627 0.03 -1.79 -28.33
C GLY A 627 0.46 -1.21 -29.65
N ASP A 628 1.76 -1.23 -29.91
CA ASP A 628 2.27 -0.73 -31.17
C ASP A 628 1.67 -1.45 -32.37
N VAL A 629 1.45 -2.75 -32.25
CA VAL A 629 0.86 -3.52 -33.34
C VAL A 629 -0.64 -3.31 -33.39
N VAL A 630 -1.30 -3.58 -32.27
CA VAL A 630 -2.74 -3.56 -32.19
C VAL A 630 -3.34 -2.19 -32.49
N ASN A 631 -2.76 -1.14 -31.92
CA ASN A 631 -3.37 0.18 -32.01
C ASN A 631 -3.22 0.79 -33.39
N HIS A 632 -2.43 0.18 -34.26
CA HIS A 632 -2.22 0.76 -35.59
C HIS A 632 -2.69 -0.12 -36.74
N ASP A 633 -3.38 -1.21 -36.42
CA ASP A 633 -3.90 -2.13 -37.42
C ASP A 633 -5.28 -1.60 -37.86
N PRO A 634 -5.39 -1.20 -39.13
CA PRO A 634 -6.64 -0.61 -39.59
C PRO A 634 -7.82 -1.54 -39.46
N VAL A 635 -7.58 -2.84 -39.59
CA VAL A 635 -8.66 -3.80 -39.55
C VAL A 635 -9.30 -3.86 -38.18
N VAL A 636 -8.54 -3.56 -37.13
CA VAL A 636 -9.08 -3.58 -35.79
C VAL A 636 -9.92 -2.36 -35.52
N GLY A 637 -9.52 -1.22 -36.07
CA GLY A 637 -10.27 0.01 -35.90
C GLY A 637 -10.20 0.44 -34.44
N ASP A 638 -11.33 0.81 -33.86
CA ASP A 638 -11.33 1.10 -32.44
C ASP A 638 -12.11 0.03 -31.67
N ARG A 639 -12.05 -1.20 -32.15
CA ARG A 639 -12.65 -2.30 -31.42
C ARG A 639 -11.72 -2.80 -30.32
N LEU A 640 -10.44 -2.51 -30.41
CA LEU A 640 -9.48 -2.94 -29.40
C LEU A 640 -8.35 -1.95 -29.32
N ARG A 641 -8.07 -1.46 -28.13
CA ARG A 641 -6.96 -0.57 -27.87
C ARG A 641 -6.20 -1.08 -26.65
N VAL A 642 -4.88 -1.02 -26.71
CA VAL A 642 -4.04 -1.45 -25.58
C VAL A 642 -3.17 -0.28 -25.16
N ILE A 643 -3.37 0.19 -23.93
CA ILE A 643 -2.70 1.36 -23.42
C ILE A 643 -1.91 0.99 -22.17
N PHE A 644 -0.64 1.38 -22.14
CA PHE A 644 0.15 1.30 -20.93
C PHE A 644 0.08 2.62 -20.19
N LEU A 645 -0.46 2.60 -18.99
CA LEU A 645 -0.63 3.80 -18.18
C LEU A 645 0.67 4.09 -17.43
N GLU A 646 1.33 5.15 -17.84
CA GLU A 646 2.62 5.55 -17.32
C GLU A 646 2.53 6.14 -15.91
N ASN A 647 3.51 5.81 -15.08
CA ASN A 647 3.69 6.40 -13.78
C ASN A 647 2.50 6.20 -12.82
N TYR A 648 2.01 4.95 -12.76
CA TYR A 648 0.95 4.59 -11.84
C TYR A 648 1.38 4.89 -10.42
N ARG A 649 0.49 5.57 -9.70
CA ARG A 649 0.72 6.09 -8.38
C ARG A 649 -0.66 6.44 -7.78
N VAL A 650 -0.68 6.90 -6.55
CA VAL A 650 -1.96 7.06 -5.84
C VAL A 650 -2.84 8.07 -6.59
N SER A 651 -2.25 9.19 -7.02
CA SER A 651 -3.08 10.20 -7.69
C SER A 651 -3.64 9.69 -9.02
N LEU A 652 -2.92 8.83 -9.72
CA LEU A 652 -3.45 8.24 -10.94
C LEU A 652 -4.54 7.20 -10.64
N ALA A 653 -4.36 6.44 -9.55
CA ALA A 653 -5.38 5.47 -9.14
C ALA A 653 -6.70 6.19 -8.90
N GLU A 654 -6.64 7.40 -8.35
CA GLU A 654 -7.86 8.13 -8.02
C GLU A 654 -8.61 8.54 -9.27
N LYS A 655 -7.91 8.62 -10.39
CA LYS A 655 -8.54 8.97 -11.68
C LYS A 655 -9.03 7.74 -12.44
N VAL A 656 -8.21 6.70 -12.51
CA VAL A 656 -8.57 5.54 -13.34
C VAL A 656 -9.56 4.57 -12.68
N ILE A 657 -9.49 4.37 -11.37
CA ILE A 657 -10.35 3.41 -10.75
C ILE A 657 -11.84 3.79 -10.91
N PRO A 658 -12.19 5.06 -10.73
CA PRO A 658 -13.62 5.41 -10.97
C PRO A 658 -14.09 5.24 -12.40
N ALA A 659 -13.17 5.20 -13.35
CA ALA A 659 -13.49 5.04 -14.75
C ALA A 659 -13.56 3.58 -15.21
N ALA A 660 -13.21 2.63 -14.36
CA ALA A 660 -13.05 1.24 -14.82
C ALA A 660 -14.39 0.49 -14.86
N ASP A 661 -14.52 -0.39 -15.86
CA ASP A 661 -15.65 -1.32 -15.97
C ASP A 661 -15.29 -2.70 -15.42
N LEU A 662 -14.09 -3.15 -15.74
CA LEU A 662 -13.62 -4.48 -15.37
C LEU A 662 -12.26 -4.38 -14.63
N SER A 663 -12.19 -5.00 -13.46
CA SER A 663 -11.03 -5.01 -12.60
C SER A 663 -10.34 -6.38 -12.71
N GLU A 664 -9.08 -6.38 -13.09
CA GLU A 664 -8.34 -7.61 -13.30
C GLU A 664 -7.55 -7.92 -12.04
N GLN A 665 -7.89 -9.01 -11.37
CA GLN A 665 -7.29 -9.43 -10.13
C GLN A 665 -6.94 -10.91 -10.30
N ILE A 666 -5.86 -11.17 -11.01
CA ILE A 666 -5.62 -12.47 -11.64
C ILE A 666 -4.33 -13.17 -11.20
N SER A 667 -3.91 -12.92 -9.98
CA SER A 667 -2.74 -13.59 -9.44
C SER A 667 -2.95 -15.10 -9.30
N THR A 668 -1.87 -15.87 -9.36
CA THR A 668 -1.98 -17.30 -9.10
C THR A 668 -2.47 -17.56 -7.68
N ALA A 669 -3.44 -18.45 -7.57
CA ALA A 669 -4.02 -18.75 -6.29
C ALA A 669 -2.92 -19.08 -5.27
N GLY A 670 -2.97 -18.43 -4.11
CA GLY A 670 -1.95 -18.60 -3.07
C GLY A 670 -0.83 -17.57 -2.99
N THR A 671 -0.84 -16.56 -3.84
CA THR A 671 0.31 -15.65 -3.99
C THR A 671 0.01 -14.21 -3.57
N GLU A 672 -1.21 -13.72 -3.81
CA GLU A 672 -1.56 -12.36 -3.41
C GLU A 672 -2.16 -12.46 -2.03
N ALA A 673 -1.44 -11.99 -1.03
CA ALA A 673 -1.86 -12.17 0.36
C ALA A 673 -3.26 -11.61 0.60
N SER A 674 -3.54 -10.42 0.11
CA SER A 674 -4.87 -9.89 0.17
C SER A 674 -5.23 -9.19 -1.13
N GLY A 675 -4.44 -8.20 -1.48
CA GLY A 675 -4.83 -7.24 -2.49
C GLY A 675 -5.64 -6.16 -1.82
N THR A 676 -5.52 -4.94 -2.31
CA THR A 676 -6.40 -3.83 -1.89
C THR A 676 -6.92 -3.03 -3.07
N GLY A 677 -6.22 -3.03 -4.21
CA GLY A 677 -6.78 -2.43 -5.42
C GLY A 677 -8.11 -3.08 -5.76
N ASN A 678 -8.18 -4.38 -5.54
CA ASN A 678 -9.42 -5.12 -5.76
C ASN A 678 -10.63 -4.45 -5.06
N MET A 679 -10.43 -4.05 -3.83
CA MET A 679 -11.47 -3.43 -3.03
C MET A 679 -11.80 -2.05 -3.56
N LYS A 680 -10.79 -1.31 -4.01
CA LYS A 680 -11.03 0.03 -4.56
C LYS A 680 -11.93 -0.06 -5.77
N PHE A 681 -11.69 -1.02 -6.66
CA PHE A 681 -12.53 -1.18 -7.84
C PHE A 681 -13.95 -1.57 -7.49
N MET A 682 -14.12 -2.46 -6.52
CA MET A 682 -15.45 -2.90 -6.13
C MET A 682 -16.31 -1.74 -5.64
N LEU A 683 -15.72 -0.88 -4.85
CA LEU A 683 -16.44 0.25 -4.28
C LEU A 683 -16.85 1.30 -5.34
N ASN A 684 -16.15 1.31 -6.47
CA ASN A 684 -16.31 2.32 -7.51
C ASN A 684 -17.05 1.88 -8.77
N GLY A 685 -17.68 0.72 -8.71
CA GLY A 685 -18.60 0.31 -9.79
C GLY A 685 -18.01 -0.46 -10.94
N ALA A 686 -16.89 -1.17 -10.69
CA ALA A 686 -16.35 -2.10 -11.66
C ALA A 686 -16.72 -3.50 -11.20
N LEU A 687 -16.88 -4.39 -12.17
CA LEU A 687 -17.02 -5.81 -11.88
C LEU A 687 -15.61 -6.40 -11.90
N THR A 688 -15.45 -7.53 -11.22
CA THR A 688 -14.12 -8.14 -11.04
C THR A 688 -13.99 -9.48 -11.78
N ILE A 689 -12.91 -9.63 -12.54
CA ILE A 689 -12.52 -10.92 -13.05
C ILE A 689 -11.29 -11.35 -12.24
N GLY A 690 -11.37 -12.50 -11.59
CA GLY A 690 -10.29 -12.87 -10.74
C GLY A 690 -10.28 -14.32 -10.31
N THR A 691 -9.13 -14.71 -9.80
CA THR A 691 -8.95 -15.98 -9.16
C THR A 691 -9.39 -15.94 -7.71
N MET A 692 -9.52 -17.11 -7.14
CA MET A 692 -9.87 -17.24 -5.73
C MET A 692 -8.59 -17.09 -4.89
N ASP A 693 -8.09 -15.85 -4.83
CA ASP A 693 -6.85 -15.56 -4.15
C ASP A 693 -7.05 -14.36 -3.22
N GLY A 694 -6.33 -14.34 -2.10
CA GLY A 694 -6.37 -13.21 -1.21
C GLY A 694 -7.79 -12.81 -0.85
N ALA A 695 -8.06 -11.51 -0.82
CA ALA A 695 -9.39 -11.06 -0.43
C ALA A 695 -10.43 -11.25 -1.53
N ASN A 696 -10.03 -11.64 -2.74
CA ASN A 696 -11.03 -11.90 -3.78
C ASN A 696 -12.07 -12.89 -3.27
N VAL A 697 -11.61 -13.87 -2.51
CA VAL A 697 -12.46 -14.91 -1.95
C VAL A 697 -13.59 -14.35 -1.08
N GLU A 698 -13.23 -13.41 -0.23
CA GLU A 698 -14.19 -12.77 0.67
C GLU A 698 -15.07 -11.80 -0.09
N MET A 699 -14.54 -11.16 -1.12
CA MET A 699 -15.36 -10.24 -1.94
C MET A 699 -16.47 -11.03 -2.64
N ALA A 700 -16.13 -12.18 -3.20
CA ALA A 700 -17.13 -13.03 -3.86
C ALA A 700 -18.13 -13.57 -2.88
N GLU A 701 -17.67 -13.89 -1.68
CA GLU A 701 -18.55 -14.35 -0.65
C GLU A 701 -19.56 -13.28 -0.27
N GLU A 702 -19.12 -12.03 -0.16
CA GLU A 702 -20.00 -10.93 0.21
C GLU A 702 -20.99 -10.59 -0.89
N ALA A 703 -20.52 -10.51 -2.12
CA ALA A 703 -21.39 -10.15 -3.22
C ALA A 703 -22.23 -11.31 -3.77
N GLY A 704 -21.77 -12.53 -3.55
CA GLY A 704 -22.36 -13.70 -4.16
C GLY A 704 -21.56 -14.08 -5.38
N GLU A 705 -21.21 -15.36 -5.49
CA GLU A 705 -20.41 -15.84 -6.61
C GLU A 705 -21.00 -15.54 -7.99
N GLU A 706 -22.33 -15.51 -8.08
CA GLU A 706 -23.03 -15.16 -9.34
C GLU A 706 -22.74 -13.74 -9.81
N ASN A 707 -22.25 -12.89 -8.91
CA ASN A 707 -22.01 -11.49 -9.23
C ASN A 707 -20.54 -11.15 -9.37
N PHE A 708 -19.73 -12.19 -9.58
CA PHE A 708 -18.27 -12.08 -9.67
C PHE A 708 -17.81 -12.99 -10.81
N PHE A 709 -16.80 -12.58 -11.58
CA PHE A 709 -16.32 -13.45 -12.65
C PHE A 709 -15.10 -14.25 -12.16
N ILE A 710 -15.36 -15.41 -11.59
CA ILE A 710 -14.31 -16.24 -10.99
C ILE A 710 -13.86 -17.27 -11.97
N PHE A 711 -12.55 -17.49 -12.05
CA PHE A 711 -12.01 -18.51 -12.91
C PHE A 711 -10.73 -19.08 -12.29
N GLY A 712 -10.30 -20.20 -12.85
CA GLY A 712 -8.96 -20.70 -12.59
C GLY A 712 -8.78 -21.66 -11.44
N MET A 713 -7.55 -22.08 -11.29
CA MET A 713 -7.18 -22.98 -10.21
C MET A 713 -7.42 -22.33 -8.86
N ARG A 714 -7.83 -23.15 -7.91
CA ARG A 714 -7.89 -22.78 -6.52
C ARG A 714 -6.56 -23.19 -5.93
N VAL A 715 -6.32 -22.80 -4.69
CA VAL A 715 -5.05 -23.16 -4.03
C VAL A 715 -4.79 -24.67 -4.09
N GLU A 716 -5.82 -25.46 -3.87
CA GLU A 716 -5.70 -26.92 -3.84
C GLU A 716 -5.31 -27.47 -5.20
N ASP A 717 -5.80 -26.84 -6.26
CA ASP A 717 -5.44 -27.24 -7.60
C ASP A 717 -3.97 -26.94 -7.88
N VAL A 718 -3.47 -25.83 -7.36
CA VAL A 718 -2.08 -25.49 -7.60
C VAL A 718 -1.20 -26.52 -6.91
N ASP A 719 -1.56 -26.92 -5.70
CA ASP A 719 -0.80 -27.94 -4.97
C ASP A 719 -0.76 -29.27 -5.72
N ARG A 720 -1.91 -29.69 -6.26
CA ARG A 720 -2.02 -30.92 -7.06
C ARG A 720 -1.08 -30.88 -8.24
N LEU A 721 -1.04 -29.75 -8.94
CA LEU A 721 -0.19 -29.64 -10.11
C LEU A 721 1.29 -29.71 -9.71
N ASP A 722 1.65 -29.06 -8.61
CA ASP A 722 3.04 -29.06 -8.16
C ASP A 722 3.48 -30.47 -7.80
N GLN A 723 2.54 -31.25 -7.25
CA GLN A 723 2.84 -32.61 -6.83
C GLN A 723 3.14 -33.48 -8.02
N ARG A 724 2.38 -33.36 -9.09
CA ARG A 724 2.68 -34.16 -10.26
C ARG A 724 3.70 -33.52 -11.18
N GLY A 725 3.92 -32.22 -11.05
CA GLY A 725 4.92 -31.52 -11.88
C GLY A 725 4.29 -30.68 -12.99
N TYR A 726 4.49 -29.36 -12.94
CA TYR A 726 3.95 -28.50 -13.98
C TYR A 726 4.75 -28.61 -15.26
N ASN A 727 4.10 -29.07 -16.32
CA ASN A 727 4.71 -29.12 -17.63
C ASN A 727 3.96 -28.21 -18.58
N ALA A 728 4.55 -27.06 -18.86
CA ALA A 728 3.92 -26.06 -19.72
C ALA A 728 3.72 -26.55 -21.15
N GLN A 729 4.61 -27.44 -21.60
CA GLN A 729 4.55 -27.98 -22.95
C GLN A 729 3.18 -28.63 -23.26
N GLU A 730 2.59 -29.27 -22.25
CA GLU A 730 1.31 -29.93 -22.41
C GLU A 730 0.23 -28.96 -22.92
N TYR A 731 0.18 -27.77 -22.32
CA TYR A 731 -0.82 -26.76 -22.68
C TYR A 731 -0.57 -26.22 -24.09
N TYR A 732 0.69 -25.98 -24.40
CA TYR A 732 1.10 -25.54 -25.72
C TYR A 732 0.71 -26.56 -26.77
N ASP A 733 0.85 -27.83 -26.42
CA ASP A 733 0.54 -28.90 -27.36
C ASP A 733 -0.94 -29.09 -27.60
N ARG A 734 -1.77 -28.75 -26.63
CA ARG A 734 -3.21 -29.02 -26.71
C ARG A 734 -4.08 -27.81 -27.05
N ILE A 735 -3.53 -26.61 -27.06
CA ILE A 735 -4.37 -25.43 -27.26
C ILE A 735 -3.82 -24.67 -28.41
N PRO A 736 -4.46 -24.79 -29.58
CA PRO A 736 -3.90 -24.16 -30.77
C PRO A 736 -3.82 -22.64 -30.69
N GLU A 737 -4.79 -22.00 -30.06
CA GLU A 737 -4.73 -20.54 -29.95
C GLU A 737 -3.52 -20.10 -29.11
N LEU A 738 -3.17 -20.89 -28.11
CA LEU A 738 -2.00 -20.57 -27.31
C LEU A 738 -0.69 -20.79 -28.08
N ARG A 739 -0.62 -21.89 -28.81
CA ARG A 739 0.55 -22.18 -29.62
C ARG A 739 0.83 -21.05 -30.61
N GLN A 740 -0.23 -20.56 -31.23
CA GLN A 740 -0.10 -19.47 -32.19
C GLN A 740 0.55 -18.26 -31.54
N ILE A 741 0.13 -17.92 -30.33
CA ILE A 741 0.68 -16.73 -29.65
C ILE A 741 2.17 -16.90 -29.36
N ILE A 742 2.56 -18.08 -28.92
CA ILE A 742 3.95 -18.33 -28.58
C ILE A 742 4.79 -18.27 -29.84
N GLU A 743 4.28 -18.81 -30.94
CA GLU A 743 5.00 -18.74 -32.19
C GLU A 743 5.15 -17.28 -32.61
N GLN A 744 4.11 -16.48 -32.44
CA GLN A 744 4.20 -15.05 -32.76
C GLN A 744 5.29 -14.36 -31.94
N LEU A 745 5.33 -14.65 -30.64
CA LEU A 745 6.32 -14.06 -29.74
C LEU A 745 7.74 -14.45 -30.13
N SER A 746 7.95 -15.73 -30.39
CA SER A 746 9.28 -16.25 -30.73
C SER A 746 9.78 -15.77 -32.07
N SER A 747 8.87 -15.61 -33.02
CA SER A 747 9.25 -15.38 -34.41
C SER A 747 9.54 -13.92 -34.72
N GLY A 748 9.18 -13.01 -33.82
CA GLY A 748 9.42 -11.57 -34.05
C GLY A 748 8.23 -10.76 -34.56
N PHE A 749 7.04 -11.33 -34.49
CA PHE A 749 5.84 -10.65 -34.90
C PHE A 749 5.62 -9.33 -34.14
N PHE A 750 5.89 -9.32 -32.84
CA PHE A 750 5.75 -8.11 -32.03
C PHE A 750 7.05 -7.31 -31.88
N SER A 751 8.09 -7.69 -32.63
CA SER A 751 9.37 -6.95 -32.62
C SER A 751 10.15 -7.20 -33.91
N PRO A 752 9.68 -6.64 -35.03
CA PRO A 752 10.24 -6.83 -36.36
C PRO A 752 11.74 -6.63 -36.47
N LYS A 753 12.25 -5.57 -35.89
CA LYS A 753 13.66 -5.24 -36.03
C LYS A 753 14.54 -6.04 -35.07
N GLN A 754 13.92 -6.62 -34.04
CA GLN A 754 14.66 -7.38 -33.05
C GLN A 754 13.86 -8.65 -32.80
N PRO A 755 13.93 -9.58 -33.75
CA PRO A 755 13.08 -10.76 -33.72
C PRO A 755 13.19 -11.63 -32.46
N ASP A 756 14.32 -11.65 -31.77
CA ASP A 756 14.44 -12.50 -30.62
C ASP A 756 14.31 -11.71 -29.32
N LEU A 757 13.66 -10.55 -29.38
CA LEU A 757 13.61 -9.66 -28.24
C LEU A 757 12.92 -10.31 -27.05
N PHE A 758 11.89 -11.11 -27.30
CA PHE A 758 11.08 -11.68 -26.21
C PHE A 758 11.43 -13.13 -25.86
N LYS A 759 12.61 -13.59 -26.24
CA LYS A 759 13.00 -14.99 -25.97
C LYS A 759 13.06 -15.31 -24.49
N ASP A 760 13.48 -14.38 -23.65
CA ASP A 760 13.53 -14.65 -22.22
C ASP A 760 12.11 -14.96 -21.71
N ILE A 761 11.13 -14.24 -22.23
CA ILE A 761 9.75 -14.42 -21.80
C ILE A 761 9.23 -15.78 -22.24
N VAL A 762 9.46 -16.14 -23.49
CA VAL A 762 9.01 -17.42 -23.99
C VAL A 762 9.69 -18.51 -23.23
N ASN A 763 10.97 -18.36 -23.00
CA ASN A 763 11.69 -19.38 -22.29
C ASN A 763 11.21 -19.57 -20.87
N MET A 764 10.88 -18.49 -20.20
CA MET A 764 10.32 -18.60 -18.87
C MET A 764 8.97 -19.30 -18.92
N LEU A 765 8.08 -18.87 -19.80
CA LEU A 765 6.75 -19.47 -19.88
C LEU A 765 6.78 -20.97 -20.16
N MET A 766 7.68 -21.38 -21.04
CA MET A 766 7.75 -22.79 -21.45
C MET A 766 8.51 -23.69 -20.48
N HIS A 767 9.49 -23.17 -19.74
CA HIS A 767 10.35 -24.03 -18.91
C HIS A 767 10.53 -23.72 -17.43
N HIS A 768 10.28 -22.50 -16.98
CA HIS A 768 10.41 -22.24 -15.53
C HIS A 768 9.45 -21.20 -15.01
N ASP A 769 8.17 -21.43 -15.26
CA ASP A 769 7.14 -20.52 -14.82
C ASP A 769 6.62 -20.97 -13.46
N ARG A 770 7.04 -20.26 -12.43
CA ARG A 770 6.60 -20.56 -11.10
C ARG A 770 5.14 -20.26 -10.89
N PHE A 771 4.55 -19.47 -11.79
CA PHE A 771 3.19 -19.01 -11.58
C PHE A 771 2.12 -19.56 -12.54
N LYS A 772 2.50 -20.55 -13.34
CA LYS A 772 1.57 -21.38 -14.06
C LYS A 772 0.59 -20.58 -14.92
N VAL A 773 1.14 -19.69 -15.72
CA VAL A 773 0.35 -18.83 -16.59
C VAL A 773 -0.50 -19.66 -17.57
N PHE A 774 0.10 -20.62 -18.25
CA PHE A 774 -0.64 -21.45 -19.21
C PHE A 774 -1.77 -22.25 -18.56
N ALA A 775 -1.62 -22.68 -17.30
CA ALA A 775 -2.62 -23.51 -16.66
C ALA A 775 -3.98 -22.85 -16.48
N ASP A 776 -4.00 -21.51 -16.35
CA ASP A 776 -5.27 -20.78 -16.18
C ASP A 776 -5.75 -20.09 -17.49
N TYR A 777 -5.03 -20.30 -18.57
CA TYR A 777 -5.31 -19.59 -19.83
C TYR A 777 -6.67 -19.93 -20.40
N GLU A 778 -6.97 -21.20 -20.58
CA GLU A 778 -8.27 -21.58 -21.16
C GLU A 778 -9.44 -21.05 -20.36
N GLU A 779 -9.41 -21.26 -19.05
CA GLU A 779 -10.52 -20.80 -18.22
C GLU A 779 -10.64 -19.29 -18.19
N TYR A 780 -9.51 -18.59 -18.22
CA TYR A 780 -9.49 -17.14 -18.25
C TYR A 780 -10.16 -16.60 -19.52
N VAL A 781 -9.76 -17.13 -20.67
CA VAL A 781 -10.34 -16.69 -21.94
C VAL A 781 -11.87 -16.92 -21.98
N LYS A 782 -12.31 -18.09 -21.56
CA LYS A 782 -13.74 -18.38 -21.52
C LYS A 782 -14.47 -17.46 -20.58
N CYS A 783 -13.87 -17.17 -19.43
CA CYS A 783 -14.49 -16.26 -18.48
C CYS A 783 -14.60 -14.83 -19.07
N GLN A 784 -13.58 -14.37 -19.80
CA GLN A 784 -13.60 -13.06 -20.48
C GLN A 784 -14.75 -12.96 -21.50
N GLU A 785 -15.12 -14.09 -22.11
CA GLU A 785 -16.24 -14.15 -23.04
C GLU A 785 -17.52 -13.91 -22.28
N ARG A 786 -17.63 -14.41 -21.06
CA ARG A 786 -18.83 -14.19 -20.31
C ARG A 786 -18.91 -12.73 -19.89
N VAL A 787 -17.78 -12.10 -19.68
CA VAL A 787 -17.75 -10.67 -19.36
C VAL A 787 -18.31 -9.88 -20.52
N SER A 788 -17.83 -10.18 -21.71
CA SER A 788 -18.25 -9.46 -22.91
C SER A 788 -19.75 -9.62 -23.16
N ALA A 789 -20.27 -10.83 -22.93
CA ALA A 789 -21.68 -11.09 -23.15
C ALA A 789 -22.55 -10.26 -22.22
N LEU A 790 -22.11 -10.10 -20.98
CA LEU A 790 -22.88 -9.33 -20.02
C LEU A 790 -22.79 -7.83 -20.32
N TYR A 791 -21.66 -7.38 -20.84
CA TYR A 791 -21.51 -5.96 -21.13
C TYR A 791 -22.49 -5.54 -22.24
N LYS A 792 -22.83 -6.47 -23.13
CA LYS A 792 -23.82 -6.23 -24.20
C LYS A 792 -25.21 -5.90 -23.69
N ASN A 793 -25.49 -6.22 -22.42
CA ASN A 793 -26.79 -5.91 -21.79
C ASN A 793 -26.59 -4.89 -20.64
N PRO A 794 -26.55 -3.59 -20.97
CA PRO A 794 -26.23 -2.51 -20.02
C PRO A 794 -27.02 -2.57 -18.72
N ARG A 795 -28.30 -2.89 -18.80
CA ARG A 795 -29.13 -2.86 -17.61
C ARG A 795 -28.73 -3.95 -16.63
N GLU A 796 -28.45 -5.15 -17.14
CA GLU A 796 -28.05 -6.25 -16.27
C GLU A 796 -26.59 -6.11 -15.80
N TRP A 797 -25.73 -5.57 -16.65
CA TRP A 797 -24.38 -5.18 -16.19
C TRP A 797 -24.51 -4.26 -14.97
N THR A 798 -25.27 -3.17 -15.11
CA THR A 798 -25.44 -2.24 -13.99
C THR A 798 -26.10 -2.84 -12.76
N ARG A 799 -27.06 -3.74 -12.94
CA ARG A 799 -27.65 -4.38 -11.80
C ARG A 799 -26.61 -5.18 -11.02
N MET A 800 -25.72 -5.86 -11.73
CA MET A 800 -24.69 -6.63 -11.05
C MET A 800 -23.71 -5.67 -10.33
N VAL A 801 -23.41 -4.54 -10.96
CA VAL A 801 -22.57 -3.51 -10.35
C VAL A 801 -23.19 -3.06 -9.04
N ILE A 802 -24.51 -2.79 -9.04
CA ILE A 802 -25.14 -2.36 -7.81
C ILE A 802 -25.02 -3.42 -6.73
N ARG A 803 -25.09 -4.69 -7.10
CA ARG A 803 -24.95 -5.73 -6.09
C ARG A 803 -23.54 -5.77 -5.49
N ASN A 804 -22.54 -5.38 -6.27
CA ASN A 804 -21.15 -5.32 -5.76
C ASN A 804 -20.96 -4.12 -4.86
N ILE A 805 -21.36 -2.94 -5.32
CA ILE A 805 -21.20 -1.75 -4.50
C ILE A 805 -21.91 -1.94 -3.18
N ALA A 806 -23.12 -2.48 -3.21
CA ALA A 806 -23.92 -2.67 -2.02
C ALA A 806 -23.35 -3.60 -0.96
N THR A 807 -22.49 -4.52 -1.36
CA THR A 807 -21.88 -5.46 -0.43
C THR A 807 -20.40 -5.21 -0.22
N SER A 808 -19.94 -4.00 -0.48
CA SER A 808 -18.51 -3.69 -0.32
C SER A 808 -18.18 -3.20 1.08
N GLY A 809 -19.20 -3.07 1.94
CA GLY A 809 -19.00 -2.50 3.25
C GLY A 809 -17.95 -3.17 4.12
N LYS A 810 -17.84 -4.49 4.03
CA LYS A 810 -16.88 -5.20 4.88
C LYS A 810 -15.45 -4.72 4.60
N PHE A 811 -15.23 -4.15 3.44
CA PHE A 811 -13.87 -3.82 3.03
C PHE A 811 -13.43 -2.42 3.37
N SER A 812 -14.18 -1.75 4.23
CA SER A 812 -13.73 -0.50 4.82
C SER A 812 -12.61 -0.76 5.84
N SER A 813 -11.56 0.04 5.79
CA SER A 813 -10.51 -0.06 6.80
C SER A 813 -10.98 0.35 8.20
N ASP A 814 -12.15 0.98 8.33
CA ASP A 814 -12.75 1.21 9.64
C ASP A 814 -13.08 -0.12 10.30
N ARG A 815 -13.58 -1.08 9.50
CA ARG A 815 -13.90 -2.40 10.04
C ARG A 815 -12.60 -3.09 10.46
N THR A 816 -11.60 -3.05 9.58
CA THR A 816 -10.34 -3.65 9.88
C THR A 816 -9.73 -3.11 11.18
N ILE A 817 -9.65 -1.78 11.30
CA ILE A 817 -9.06 -1.16 12.47
C ILE A 817 -9.85 -1.43 13.75
N ALA A 818 -11.17 -1.49 13.65
CA ALA A 818 -11.95 -1.85 14.83
C ALA A 818 -11.61 -3.24 15.32
N GLN A 819 -11.29 -4.14 14.38
CA GLN A 819 -10.88 -5.48 14.78
C GLN A 819 -9.49 -5.53 15.39
N TYR A 820 -8.53 -4.79 14.84
CA TYR A 820 -7.22 -4.72 15.47
C TYR A 820 -7.35 -4.16 16.90
N ALA A 821 -8.16 -3.12 17.04
CA ALA A 821 -8.35 -2.46 18.33
C ALA A 821 -8.90 -3.41 19.39
N ARG A 822 -9.96 -4.13 19.05
CA ARG A 822 -10.62 -4.98 20.05
C ARG A 822 -9.87 -6.27 20.28
N GLU A 823 -9.33 -6.86 19.22
CA GLU A 823 -8.76 -8.21 19.28
C GLU A 823 -7.25 -8.28 19.48
N ILE A 824 -6.54 -7.18 19.20
CA ILE A 824 -5.08 -7.16 19.40
C ILE A 824 -4.63 -6.06 20.40
N TRP A 825 -5.08 -4.83 20.21
CA TRP A 825 -4.55 -3.70 20.99
C TRP A 825 -5.24 -3.54 22.33
N GLY A 826 -6.47 -4.03 22.45
CA GLY A 826 -7.20 -3.93 23.72
C GLY A 826 -7.70 -2.52 23.99
N VAL A 827 -8.22 -1.87 22.96
CA VAL A 827 -8.78 -0.53 23.09
C VAL A 827 -10.09 -0.45 22.35
N GLU A 828 -10.97 0.44 22.79
CA GLU A 828 -12.28 0.56 22.17
C GLU A 828 -12.31 1.74 21.23
N PRO A 829 -12.80 1.54 20.02
CA PRO A 829 -12.99 2.66 19.10
C PRO A 829 -14.09 3.60 19.57
N SER A 830 -14.08 4.81 19.07
CA SER A 830 -15.11 5.77 19.43
C SER A 830 -15.45 6.63 18.22
N ARG A 831 -16.74 6.91 18.02
CA ARG A 831 -17.14 7.79 16.92
C ARG A 831 -17.53 9.14 17.49
N GLN A 832 -17.22 9.37 18.76
CA GLN A 832 -17.54 10.64 19.38
C GLN A 832 -16.60 11.77 18.99
N ARG A 833 -17.18 12.92 18.72
CA ARG A 833 -16.47 14.11 18.27
C ARG A 833 -15.77 14.80 19.42
N LEU A 834 -14.55 15.28 19.22
CA LEU A 834 -13.98 16.20 20.19
C LEU A 834 -14.62 17.53 19.86
N PRO A 835 -14.59 18.48 20.79
CA PRO A 835 -15.11 19.83 20.56
C PRO A 835 -14.17 20.64 19.66
N ALA A 836 -14.74 21.29 18.65
CA ALA A 836 -13.97 22.04 17.63
C ALA A 836 -13.20 23.21 18.22
O6' KS3 B . -1.31 -6.19 3.11
C6' KS3 B . -1.10 -5.13 2.20
C5' KS3 B . -0.46 -5.65 0.91
C4' KS3 B . -1.29 -6.76 0.24
O4' KS3 B . -2.68 -6.51 0.07
O5' KS3 B . 0.86 -6.09 1.15
C1' KS3 B . 1.49 -6.53 -0.06
C2' KS3 B . 0.82 -7.82 -0.54
O2' KS3 B . 1.43 -8.31 -1.74
C3' KS3 B . -0.64 -7.56 -0.86
O3' KS3 B . -1.39 -8.74 -1.19
C1 KS3 B . 2.91 -6.76 0.28
N2 KS3 B . 3.37 -7.88 0.86
N3 KS3 B . 4.74 -7.78 1.08
C4 KS3 B . 5.06 -6.58 0.58
N5 KS3 B . 3.95 -5.93 0.09
C6 KS3 B . 6.43 -6.05 0.63
C7 KS3 B . 7.47 -6.91 0.97
C8 KS3 B . 8.74 -6.40 1.02
C12 KS3 B . 9.80 -7.23 1.35
C13 KS3 B . 11.07 -6.69 1.45
C14 KS3 B . 11.31 -5.34 1.23
C15 KS3 B . 10.28 -4.46 0.89
C9 KS3 B . 8.98 -4.97 0.77
C10 KS3 B . 7.92 -4.13 0.47
C11 KS3 B . 6.64 -4.68 0.42
O6' KS3 C . 8.67 22.97 10.35
C6' KS3 C . 8.99 22.22 9.16
C5' KS3 C . 8.98 23.24 8.13
C4' KS3 C . 10.32 23.66 7.64
O4' KS3 C . 10.88 22.45 7.19
O5' KS3 C . 8.57 24.32 8.86
C1' KS3 C . 7.97 25.09 7.91
C2' KS3 C . 9.12 25.86 7.37
O2' KS3 C . 8.38 26.74 6.59
C3' KS3 C . 9.92 24.74 6.64
O3' KS3 C . 11.12 25.20 6.09
C1 KS3 C . 6.88 25.49 8.76
N2 KS3 C . 6.71 26.43 9.70
N3 KS3 C . 5.42 26.29 10.22
C4 KS3 C . 4.92 25.18 9.60
N5 KS3 C . 5.82 24.69 8.72
C6 KS3 C . 3.60 24.54 9.77
C7 KS3 C . 3.41 23.28 9.20
C8 KS3 C . 2.19 22.68 9.32
C12 KS3 C . 1.95 21.44 8.79
C13 KS3 C . 0.68 20.87 8.94
C14 KS3 C . -0.34 21.54 9.62
C15 KS3 C . -0.12 22.80 10.20
C9 KS3 C . 1.12 23.39 10.06
C10 KS3 C . 1.35 24.65 10.58
C11 KS3 C . 2.60 25.22 10.44
S DMS D . 4.08 14.58 22.85
O DMS D . 5.20 14.46 23.81
C1 DMS D . 3.10 15.93 23.28
C2 DMS D . 4.70 15.09 21.33
S DMS E . 2.35 17.79 26.90
O DMS E . 3.74 17.27 27.02
C1 DMS E . 2.14 19.09 27.99
C2 DMS E . 2.08 18.44 25.33
N1 PLP F . -0.34 0.93 -5.85
C2 PLP F . -1.14 1.99 -5.69
C2A PLP F . -0.70 3.34 -6.12
C3 PLP F . -2.45 1.84 -5.04
O3 PLP F . -3.26 2.90 -4.84
C4 PLP F . -2.84 0.50 -4.60
C4A PLP F . -4.12 0.20 -3.92
C5 PLP F . -1.88 -0.58 -4.80
C6 PLP F . -0.68 -0.31 -5.43
C5A PLP F . -2.26 -1.99 -4.40
O4P PLP F . -2.85 -2.60 -5.53
P PLP F . -2.94 -4.23 -5.57
O1P PLP F . -3.71 -4.40 -6.83
O2P PLP F . -1.53 -4.68 -5.69
O3P PLP F . -3.67 -4.67 -4.34
#